data_9H9E
#
_entry.id   9H9E
#
_cell.length_a   1.00
_cell.length_b   1.00
_cell.length_c   1.00
_cell.angle_alpha   90.00
_cell.angle_beta   90.00
_cell.angle_gamma   90.00
#
_symmetry.space_group_name_H-M   'P 1'
#
loop_
_entity.id
_entity.type
_entity.pdbx_description
1 polymer 'Gamma-aminobutyric acid receptor subunit alpha-1'
2 polymer 'Novel acetylcholine receptor chaperone'
3 branched alpha-D-mannopyranose-(1-3)-[alpha-D-mannopyranose-(1-6)]beta-D-mannopyranose-(1-3)-2-acetamido-2-deoxy-beta-D-glucopyranose-(1-4)-2-acetamido-2-deoxy-beta-D-glucopyranose
4 non-polymer 1,2-DIPALMITOYL-SN-GLYCERO-3-PHOSPHATE
5 non-polymer '(7S)-4-HYDROXY-N,N,N-TRIMETHYL-9-OXO-7-[(PALMITOYLOXY)METHYL]-3,5,8-TRIOXA-4-PHOSPHAHEXACOSAN-1-AMINIUM 4-OXIDE'
6 non-polymer '(1S)-2-{[{[(2R)-2,3-DIHYDROXYPROPYL]OXY}(HYDROXY)PHOSPHORYL]OXY}-1-[(PALMITOYLOXY)METHYL]ETHYL STEARATE'
7 non-polymer CHOLESTEROL
#
loop_
_entity_poly.entity_id
_entity_poly.type
_entity_poly.pdbx_seq_one_letter_code
_entity_poly.pdbx_strand_id
1 'polypeptide(L)'
;MGILPSPGMPALLSLVSLLSVLLMGCVAETGWSHPQFEKGGGSGGGSGGSAWSHPQFEKGGSTGDNTTVFTRILDRLLDG
YDNRLRPGLGERVTEVKTDIFVTSFGPVSDHDMEYTIDVFFRQSWKDERLKFKGPMTVLRLNNLMASKIWTPDTFFHNGK
KSVAHNMTMPNKLLRITEDGTLLYTMRLTVRAECPMHLEDFPMDAHACPLKFGSYAYTRAEVVYEWTREPARSVVVAEDG
SRLNQYDLLGQTVDSGIVQSSTGEYVVMTTHFHLKRKIGYFVIQTYLPCIMTVILSQVSFWLNRESVPARTVFGVTTVLT
MTTLSISARNSLPKVAYATAMDWFIAVCYAFVFSALIEFATVNYFTKRGYAWDGKSVVPEKPKKVKDPLIKKNNTYAPTA
TSYTPNLARGDPGLATIAKSATIEPKEVKPETKPPEPKKTFNSVSKIDRLSRIAFPLLFGIFNLVYWATYLNREPQLKAP
TPHQ
;
A,D
2 'polypeptide(L)'
;MASPRTVTIVALSVALGLFFVFMGTIKLTPRLSKDAYSEMKRAYKSYVRALPLLKKMGINSILLRKSIGALEVACGIVMT
LVPGRPKDVANFFLLLLVLAVLFFHQLVGDPLKRYAHALVFGILLTCRLLIARKPEDRSSEKKPLPGNAEEQPSLYEKAP
QGKVKVSGGSGGSGGSGKTETSQVAPA
;
B,C
#
# COMPACT_ATOMS: atom_id res chain seq x y z
N ASP A 65 5.98 39.95 -48.62
CA ASP A 65 4.65 40.41 -49.11
C ASP A 65 3.53 39.86 -48.23
N ASN A 66 3.57 38.55 -47.98
CA ASN A 66 2.55 37.93 -47.15
C ASN A 66 2.56 38.50 -45.73
N THR A 67 3.76 38.71 -45.17
CA THR A 67 3.85 39.24 -43.82
C THR A 67 3.24 40.64 -43.73
N THR A 68 3.49 41.47 -44.74
CA THR A 68 2.96 42.83 -44.70
C THR A 68 1.44 42.83 -44.63
N VAL A 69 0.79 41.98 -45.43
CA VAL A 69 -0.68 41.91 -45.43
C VAL A 69 -1.19 41.52 -44.05
N PHE A 70 -0.58 40.49 -43.45
CA PHE A 70 -1.03 40.03 -42.15
C PHE A 70 -0.68 41.02 -41.03
N THR A 71 0.43 41.74 -41.17
CA THR A 71 0.78 42.76 -40.18
C THR A 71 -0.28 43.85 -40.14
N ARG A 72 -0.76 44.28 -41.31
CA ARG A 72 -1.82 45.29 -41.36
C ARG A 72 -3.10 44.78 -40.72
N ILE A 73 -3.44 43.51 -40.96
CA ILE A 73 -4.66 42.95 -40.37
C ILE A 73 -4.58 43.00 -38.85
N LEU A 74 -3.44 42.58 -38.29
CA LEU A 74 -3.30 42.60 -36.84
C LEU A 74 -3.39 44.02 -36.29
N ASP A 75 -2.74 44.97 -36.98
CA ASP A 75 -2.83 46.36 -36.56
C ASP A 75 -4.27 46.87 -36.60
N ARG A 76 -5.01 46.51 -37.64
CA ARG A 76 -6.40 46.95 -37.73
C ARG A 76 -7.24 46.42 -36.58
N LEU A 77 -7.04 45.15 -36.22
CA LEU A 77 -7.81 44.55 -35.13
C LEU A 77 -7.54 45.27 -33.81
N LEU A 78 -6.28 45.57 -33.52
CA LEU A 78 -5.92 46.20 -32.27
C LEU A 78 -6.09 47.72 -32.28
N ASP A 79 -6.43 48.32 -33.42
CA ASP A 79 -6.62 49.75 -33.48
C ASP A 79 -7.92 50.13 -32.79
N GLY A 80 -7.81 50.88 -31.69
CA GLY A 80 -8.97 51.29 -30.92
C GLY A 80 -9.63 50.19 -30.14
N TYR A 81 -8.92 49.08 -29.88
CA TYR A 81 -9.48 47.98 -29.12
C TYR A 81 -9.22 48.18 -27.63
N ASP A 82 -10.27 48.08 -26.82
CA ASP A 82 -10.19 48.25 -25.38
C ASP A 82 -10.36 46.86 -24.76
N ASN A 83 -9.24 46.24 -24.38
CA ASN A 83 -9.30 44.91 -23.76
C ASN A 83 -9.84 44.95 -22.34
N ARG A 84 -10.01 46.13 -21.74
CA ARG A 84 -10.59 46.22 -20.41
C ARG A 84 -12.10 45.97 -20.38
N LEU A 85 -12.78 45.99 -21.53
CA LEU A 85 -14.23 45.83 -21.57
C LEU A 85 -14.60 44.52 -22.24
N ARG A 86 -15.44 43.74 -21.58
CA ARG A 86 -15.91 42.50 -22.17
C ARG A 86 -16.82 42.78 -23.35
N PRO A 87 -16.87 41.89 -24.35
CA PRO A 87 -17.81 42.09 -25.45
C PRO A 87 -19.25 42.07 -24.96
N GLY A 88 -20.06 42.99 -25.48
CA GLY A 88 -21.44 43.05 -25.05
C GLY A 88 -21.65 43.62 -23.66
N LEU A 89 -20.67 44.32 -23.10
CA LEU A 89 -20.84 44.88 -21.76
C LEU A 89 -22.03 45.82 -21.66
N GLY A 90 -22.49 46.37 -22.78
CA GLY A 90 -23.61 47.29 -22.77
C GLY A 90 -24.75 46.90 -23.68
N GLU A 91 -24.62 45.78 -24.39
CA GLU A 91 -25.68 45.33 -25.31
C GLU A 91 -26.28 43.99 -24.94
N ARG A 92 -25.47 42.95 -24.72
CA ARG A 92 -25.99 41.62 -24.44
C ARG A 92 -25.07 40.90 -23.46
N VAL A 93 -25.43 39.65 -23.17
CA VAL A 93 -24.64 38.81 -22.28
C VAL A 93 -23.70 37.97 -23.13
N THR A 94 -22.42 37.96 -22.77
CA THR A 94 -21.44 37.16 -23.49
C THR A 94 -21.60 35.69 -23.14
N GLU A 95 -21.92 34.88 -24.14
CA GLU A 95 -22.14 33.44 -23.99
C GLU A 95 -20.86 32.73 -24.38
N VAL A 96 -20.32 31.93 -23.46
CA VAL A 96 -19.08 31.18 -23.67
C VAL A 96 -19.43 29.70 -23.70
N LYS A 97 -19.07 29.04 -24.80
CA LYS A 97 -19.26 27.61 -24.96
C LYS A 97 -17.97 26.88 -24.60
N THR A 98 -18.09 25.88 -23.74
CA THR A 98 -16.95 25.19 -23.17
C THR A 98 -17.09 23.69 -23.33
N ASP A 99 -15.96 23.02 -23.53
CA ASP A 99 -15.90 21.56 -23.49
C ASP A 99 -14.53 21.14 -22.97
N ILE A 100 -14.48 19.94 -22.39
CA ILE A 100 -13.28 19.43 -21.74
C ILE A 100 -12.97 18.07 -22.33
N PHE A 101 -11.70 17.86 -22.69
CA PHE A 101 -11.18 16.54 -23.08
C PHE A 101 -10.16 16.11 -22.03
N VAL A 102 -10.49 15.05 -21.30
CA VAL A 102 -9.62 14.56 -20.22
C VAL A 102 -8.59 13.64 -20.87
N THR A 103 -7.36 14.14 -21.01
CA THR A 103 -6.29 13.32 -21.57
C THR A 103 -5.85 12.23 -20.60
N SER A 104 -5.96 12.47 -19.30
CA SER A 104 -5.63 11.46 -18.31
C SER A 104 -6.24 11.84 -16.97
N PHE A 105 -6.81 10.86 -16.28
CA PHE A 105 -7.38 11.05 -14.95
C PHE A 105 -6.35 10.59 -13.93
N GLY A 106 -5.62 11.55 -13.37
CA GLY A 106 -4.48 11.25 -12.54
C GLY A 106 -4.84 10.41 -11.33
N PRO A 107 -3.84 10.09 -10.51
CA PRO A 107 -4.11 9.25 -9.33
C PRO A 107 -4.91 9.99 -8.28
N VAL A 108 -5.58 9.22 -7.45
CA VAL A 108 -6.36 9.72 -6.31
C VAL A 108 -5.51 9.57 -5.05
N SER A 109 -5.46 10.62 -4.25
CA SER A 109 -4.72 10.61 -2.98
C SER A 109 -5.74 10.56 -1.85
N ASP A 110 -5.91 9.37 -1.27
CA ASP A 110 -6.84 9.22 -0.16
C ASP A 110 -6.42 10.04 1.05
N HIS A 111 -5.12 10.07 1.36
CA HIS A 111 -4.66 10.78 2.55
C HIS A 111 -5.02 12.27 2.46
N ASP A 112 -4.81 12.88 1.29
CA ASP A 112 -5.12 14.28 1.09
C ASP A 112 -6.53 14.50 0.58
N MET A 113 -7.28 13.44 0.30
CA MET A 113 -8.62 13.54 -0.24
C MET A 113 -8.67 14.45 -1.46
N GLU A 114 -7.73 14.22 -2.38
CA GLU A 114 -7.64 15.01 -3.59
C GLU A 114 -7.33 14.10 -4.77
N TYR A 115 -7.43 14.65 -5.98
CA TYR A 115 -7.08 13.92 -7.19
C TYR A 115 -6.51 14.88 -8.22
N THR A 116 -5.70 14.32 -9.13
CA THR A 116 -5.08 15.05 -10.22
C THR A 116 -5.72 14.67 -11.55
N ILE A 117 -5.79 15.63 -12.47
CA ILE A 117 -6.34 15.40 -13.80
C ILE A 117 -5.63 16.31 -14.79
N ASP A 118 -5.25 15.74 -15.94
CA ASP A 118 -4.66 16.48 -17.05
C ASP A 118 -5.69 16.56 -18.16
N VAL A 119 -5.95 17.78 -18.66
CA VAL A 119 -7.02 18.01 -19.61
C VAL A 119 -6.55 18.98 -20.69
N PHE A 120 -7.22 18.91 -21.85
CA PHE A 120 -7.20 19.97 -22.85
C PHE A 120 -8.48 20.78 -22.66
N PHE A 121 -8.36 21.95 -22.03
CA PHE A 121 -9.51 22.80 -21.74
C PHE A 121 -9.76 23.74 -22.90
N ARG A 122 -10.89 23.58 -23.58
CA ARG A 122 -11.22 24.33 -24.77
C ARG A 122 -12.35 25.30 -24.45
N GLN A 123 -12.20 26.55 -24.89
CA GLN A 123 -13.22 27.58 -24.70
C GLN A 123 -13.44 28.31 -26.01
N SER A 124 -14.70 28.60 -26.32
CA SER A 124 -15.05 29.30 -27.55
C SER A 124 -16.09 30.38 -27.27
N TRP A 125 -15.91 31.53 -27.90
CA TRP A 125 -16.82 32.66 -27.75
C TRP A 125 -16.66 33.58 -28.94
N LYS A 126 -17.63 34.47 -29.11
CA LYS A 126 -17.67 35.42 -30.21
C LYS A 126 -17.36 36.82 -29.71
N ASP A 127 -16.40 37.48 -30.37
CA ASP A 127 -16.02 38.86 -30.04
C ASP A 127 -16.08 39.67 -31.34
N GLU A 128 -17.17 40.42 -31.51
CA GLU A 128 -17.38 41.15 -32.76
C GLU A 128 -16.29 42.19 -33.02
N ARG A 129 -15.57 42.61 -31.99
CA ARG A 129 -14.48 43.57 -32.18
C ARG A 129 -13.34 42.99 -33.01
N LEU A 130 -13.30 41.67 -33.17
CA LEU A 130 -12.21 40.99 -33.86
C LEU A 130 -12.61 40.47 -35.24
N LYS A 131 -13.66 41.04 -35.83
CA LYS A 131 -14.02 40.70 -37.20
C LYS A 131 -12.95 41.18 -38.16
N PHE A 132 -12.78 40.42 -39.25
CA PHE A 132 -11.78 40.77 -40.26
C PHE A 132 -12.21 40.12 -41.58
N LYS A 133 -11.58 40.58 -42.66
CA LYS A 133 -11.74 39.98 -43.97
C LYS A 133 -10.38 39.91 -44.64
N GLY A 134 -10.05 38.76 -45.23
CA GLY A 134 -8.78 38.56 -45.86
C GLY A 134 -8.69 37.27 -46.63
N PRO A 135 -7.49 36.92 -47.09
CA PRO A 135 -7.34 35.67 -47.87
C PRO A 135 -7.78 34.43 -47.11
N MET A 136 -7.62 34.40 -45.80
CA MET A 136 -7.98 33.25 -44.98
C MET A 136 -9.18 33.58 -44.12
N THR A 137 -10.10 32.62 -44.01
CA THR A 137 -11.28 32.81 -43.18
C THR A 137 -11.01 32.54 -41.71
N VAL A 138 -9.90 31.89 -41.38
CA VAL A 138 -9.53 31.58 -40.00
C VAL A 138 -8.07 31.91 -39.81
N LEU A 139 -7.73 32.56 -38.70
CA LEU A 139 -6.36 32.93 -38.37
C LEU A 139 -5.88 32.05 -37.22
N ARG A 140 -5.04 31.06 -37.54
CA ARG A 140 -4.43 30.21 -36.52
C ARG A 140 -3.15 30.90 -36.07
N LEU A 141 -3.26 31.68 -35.00
CA LEU A 141 -2.19 32.56 -34.57
C LEU A 141 -1.43 31.96 -33.39
N ASN A 142 -0.25 32.53 -33.14
CA ASN A 142 0.53 32.13 -31.97
C ASN A 142 -0.19 32.50 -30.68
N ASN A 143 0.03 31.70 -29.64
CA ASN A 143 -0.65 31.93 -28.37
C ASN A 143 -0.30 33.27 -27.75
N LEU A 144 0.80 33.89 -28.18
CA LEU A 144 1.15 35.22 -27.67
C LEU A 144 0.01 36.22 -27.89
N MET A 145 -0.77 36.05 -28.98
CA MET A 145 -1.84 36.98 -29.24
C MET A 145 -2.89 36.96 -28.13
N ALA A 146 -3.02 35.84 -27.43
CA ALA A 146 -4.05 35.73 -26.40
C ALA A 146 -3.83 36.75 -25.29
N SER A 147 -2.57 36.95 -24.89
CA SER A 147 -2.28 37.91 -23.84
C SER A 147 -2.58 39.33 -24.25
N LYS A 148 -2.61 39.61 -25.56
CA LYS A 148 -2.82 40.96 -26.05
C LYS A 148 -4.29 41.32 -26.20
N ILE A 149 -5.20 40.36 -26.03
CA ILE A 149 -6.64 40.62 -26.14
C ILE A 149 -7.28 40.22 -24.82
N TRP A 150 -8.57 40.54 -24.71
CA TRP A 150 -9.33 40.14 -23.53
C TRP A 150 -9.79 38.70 -23.66
N THR A 151 -9.58 37.91 -22.61
CA THR A 151 -10.07 36.54 -22.54
C THR A 151 -10.76 36.31 -21.21
N PRO A 152 -11.69 35.35 -21.14
CA PRO A 152 -12.35 35.09 -19.85
C PRO A 152 -11.31 34.65 -18.83
N ASP A 153 -11.53 35.05 -17.58
CA ASP A 153 -10.62 34.62 -16.51
C ASP A 153 -11.11 33.33 -15.84
N THR A 154 -11.39 32.31 -16.64
CA THR A 154 -11.93 31.07 -16.08
C THR A 154 -10.87 30.35 -15.26
N PHE A 155 -11.26 29.84 -14.10
CA PHE A 155 -10.35 29.05 -13.27
C PHE A 155 -11.10 27.90 -12.63
N PHE A 156 -10.35 26.90 -12.20
CA PHE A 156 -10.89 25.71 -11.57
C PHE A 156 -10.79 25.87 -10.06
N HIS A 157 -11.93 25.82 -9.38
CA HIS A 157 -12.01 26.08 -7.96
C HIS A 157 -12.67 24.92 -7.25
N ASN A 158 -12.12 24.56 -6.09
CA ASN A 158 -12.64 23.46 -5.29
C ASN A 158 -13.50 24.03 -4.18
N GLY A 159 -14.79 23.69 -4.21
CA GLY A 159 -15.70 24.10 -3.16
C GLY A 159 -16.61 25.21 -3.62
N LYS A 160 -16.37 26.43 -3.15
CA LYS A 160 -17.19 27.59 -3.48
C LYS A 160 -16.43 28.60 -4.32
N LYS A 161 -15.27 29.08 -3.85
CA LYS A 161 -14.51 30.09 -4.57
C LYS A 161 -13.00 29.90 -4.48
N SER A 162 -12.51 28.89 -3.77
CA SER A 162 -11.08 28.67 -3.64
C SER A 162 -10.55 28.05 -4.93
N VAL A 163 -9.69 28.79 -5.63
CA VAL A 163 -9.12 28.28 -6.87
C VAL A 163 -8.20 27.12 -6.57
N ALA A 164 -8.41 26.00 -7.27
CA ALA A 164 -7.58 24.82 -7.07
C ALA A 164 -6.23 25.00 -7.76
N HIS A 165 -5.30 24.12 -7.41
CA HIS A 165 -3.98 24.17 -8.00
C HIS A 165 -4.08 24.02 -9.52
N ASN A 166 -3.41 24.91 -10.24
CA ASN A 166 -3.43 24.91 -11.70
C ASN A 166 -2.00 25.03 -12.21
N MET A 167 -1.65 24.20 -13.20
CA MET A 167 -0.35 24.25 -13.85
C MET A 167 -0.61 24.29 -15.36
N THR A 168 -0.48 25.48 -15.95
CA THR A 168 -0.77 25.71 -17.35
C THR A 168 0.53 25.85 -18.13
N MET A 169 0.63 25.11 -19.24
CA MET A 169 1.80 25.22 -20.09
C MET A 169 1.76 26.53 -20.87
N PRO A 170 2.92 27.01 -21.33
CA PRO A 170 2.93 28.26 -22.10
C PRO A 170 2.03 28.24 -23.32
N ASN A 171 1.91 27.09 -23.99
CA ASN A 171 1.13 27.01 -25.21
C ASN A 171 -0.36 27.13 -24.90
N LYS A 172 -1.02 28.08 -25.55
CA LYS A 172 -2.47 28.28 -25.43
C LYS A 172 -2.97 28.68 -26.81
N LEU A 173 -3.39 27.70 -27.60
CA LEU A 173 -3.72 27.96 -29.00
C LEU A 173 -4.90 28.91 -29.09
N LEU A 174 -4.79 29.85 -30.04
CA LEU A 174 -5.86 30.80 -30.34
C LEU A 174 -6.17 30.77 -31.83
N ARG A 175 -7.43 30.56 -32.17
CA ARG A 175 -7.89 30.55 -33.55
C ARG A 175 -9.08 31.49 -33.69
N ILE A 176 -8.99 32.42 -34.63
CA ILE A 176 -10.02 33.41 -34.87
C ILE A 176 -10.63 33.13 -36.25
N THR A 177 -11.93 32.88 -36.27
CA THR A 177 -12.66 32.69 -37.52
C THR A 177 -13.14 34.03 -38.08
N GLU A 178 -13.30 34.07 -39.39
CA GLU A 178 -13.69 35.32 -40.06
C GLU A 178 -14.98 35.88 -39.46
N ASP A 179 -15.87 35.01 -38.99
CA ASP A 179 -17.12 35.47 -38.37
C ASP A 179 -16.89 36.18 -37.05
N GLY A 180 -15.69 36.11 -36.48
CA GLY A 180 -15.40 36.67 -35.18
C GLY A 180 -15.43 35.68 -34.04
N THR A 181 -15.62 34.39 -34.33
CA THR A 181 -15.60 33.37 -33.29
C THR A 181 -14.17 33.03 -32.91
N LEU A 182 -13.93 32.89 -31.61
CA LEU A 182 -12.61 32.59 -31.08
C LEU A 182 -12.61 31.20 -30.47
N LEU A 183 -11.56 30.44 -30.74
CA LEU A 183 -11.29 29.17 -30.07
C LEU A 183 -10.01 29.31 -29.27
N TYR A 184 -10.10 29.03 -27.97
CA TYR A 184 -8.99 29.24 -27.04
C TYR A 184 -8.89 28.02 -26.14
N THR A 185 -7.83 27.23 -26.34
CA THR A 185 -7.61 26.01 -25.57
C THR A 185 -6.24 26.06 -24.90
N MET A 186 -6.16 25.40 -23.74
CA MET A 186 -4.94 25.36 -22.96
C MET A 186 -4.80 23.98 -22.32
N ARG A 187 -3.56 23.61 -22.03
CA ARG A 187 -3.26 22.33 -21.38
C ARG A 187 -3.05 22.58 -19.89
N LEU A 188 -3.86 21.92 -19.06
CA LEU A 188 -3.87 22.16 -17.63
C LEU A 188 -3.72 20.85 -16.87
N THR A 189 -3.02 20.90 -15.75
CA THR A 189 -3.01 19.84 -14.75
C THR A 189 -3.65 20.38 -13.48
N VAL A 190 -4.83 19.85 -13.14
CA VAL A 190 -5.62 20.37 -12.03
C VAL A 190 -5.62 19.32 -10.93
N ARG A 191 -5.17 19.72 -9.74
CA ARG A 191 -5.34 18.93 -8.53
C ARG A 191 -6.56 19.46 -7.77
N ALA A 192 -7.54 18.59 -7.55
CA ALA A 192 -8.81 19.02 -6.98
C ALA A 192 -9.14 18.18 -5.75
N GLU A 193 -9.88 18.80 -4.82
CA GLU A 193 -10.31 18.13 -3.60
C GLU A 193 -11.49 17.21 -3.89
N CYS A 194 -11.42 15.97 -3.40
CA CYS A 194 -12.51 15.01 -3.53
C CYS A 194 -12.81 14.39 -2.17
N PRO A 195 -13.64 15.05 -1.36
CA PRO A 195 -14.02 14.47 -0.07
C PRO A 195 -14.65 13.09 -0.23
N MET A 196 -14.24 12.16 0.62
CA MET A 196 -14.65 10.77 0.50
C MET A 196 -15.35 10.33 1.77
N HIS A 197 -16.44 9.58 1.60
CA HIS A 197 -17.14 8.93 2.70
C HIS A 197 -16.81 7.43 2.69
N LEU A 198 -16.04 6.98 3.68
CA LEU A 198 -15.48 5.64 3.67
C LEU A 198 -16.26 4.69 4.59
N GLU A 199 -17.54 4.99 4.82
CA GLU A 199 -18.37 4.13 5.66
C GLU A 199 -18.52 2.75 5.04
N ASP A 200 -18.65 2.68 3.71
CA ASP A 200 -18.84 1.43 2.99
C ASP A 200 -17.52 0.85 2.48
N PHE A 201 -16.41 1.39 2.92
CA PHE A 201 -15.11 0.91 2.47
C PHE A 201 -14.96 -0.58 2.79
N PRO A 202 -14.38 -1.38 1.89
CA PRO A 202 -13.81 -1.05 0.58
C PRO A 202 -14.82 -1.16 -0.56
N MET A 203 -16.11 -1.19 -0.23
CA MET A 203 -17.18 -1.26 -1.23
C MET A 203 -17.85 0.08 -1.42
N ASP A 204 -17.07 1.16 -1.41
CA ASP A 204 -17.61 2.50 -1.48
C ASP A 204 -17.41 3.11 -2.87
N ALA A 205 -18.20 4.13 -3.14
CA ALA A 205 -18.14 4.88 -4.38
C ALA A 205 -18.17 6.38 -4.06
N HIS A 206 -17.49 7.15 -4.89
CA HIS A 206 -17.35 8.59 -4.66
C HIS A 206 -17.65 9.33 -5.95
N ALA A 207 -18.16 10.54 -5.80
CA ALA A 207 -18.40 11.45 -6.92
C ALA A 207 -17.44 12.63 -6.78
N CYS A 208 -16.30 12.55 -7.46
CA CYS A 208 -15.30 13.61 -7.32
C CYS A 208 -15.68 14.77 -8.23
N PRO A 209 -15.92 15.96 -7.69
CA PRO A 209 -16.37 17.07 -8.53
C PRO A 209 -15.20 17.80 -9.17
N LEU A 210 -15.52 18.49 -10.27
CA LEU A 210 -14.59 19.42 -10.92
C LEU A 210 -15.38 20.67 -11.24
N LYS A 211 -15.16 21.74 -10.49
CA LYS A 211 -15.94 22.97 -10.60
C LYS A 211 -15.07 24.10 -11.12
N PHE A 212 -15.62 24.87 -12.07
CA PHE A 212 -14.92 26.01 -12.62
C PHE A 212 -15.95 27.06 -13.02
N GLY A 213 -15.50 28.30 -13.13
CA GLY A 213 -16.38 29.40 -13.51
C GLY A 213 -15.62 30.70 -13.50
N SER A 214 -16.35 31.77 -13.79
CA SER A 214 -15.75 33.10 -13.81
C SER A 214 -15.41 33.55 -12.39
N TYR A 215 -14.27 34.22 -12.24
CA TYR A 215 -13.86 34.71 -10.93
C TYR A 215 -14.50 36.06 -10.62
N ALA A 216 -14.63 36.93 -11.63
CA ALA A 216 -15.06 38.30 -11.43
C ALA A 216 -16.40 38.64 -12.05
N TYR A 217 -16.86 37.87 -13.03
CA TYR A 217 -18.09 38.19 -13.76
C TYR A 217 -19.26 37.36 -13.22
N THR A 218 -20.32 38.05 -12.85
CA THR A 218 -21.53 37.41 -12.34
C THR A 218 -22.37 36.84 -13.49
N ARG A 219 -23.42 36.12 -13.12
CA ARG A 219 -24.28 35.49 -14.11
C ARG A 219 -24.94 36.52 -15.00
N ALA A 220 -25.03 37.78 -14.56
CA ALA A 220 -25.58 38.86 -15.36
C ALA A 220 -24.60 39.40 -16.38
N GLU A 221 -23.35 38.95 -16.34
CA GLU A 221 -22.32 39.40 -17.27
C GLU A 221 -21.72 38.28 -18.10
N VAL A 222 -21.48 37.12 -17.52
CA VAL A 222 -20.92 35.98 -18.25
C VAL A 222 -21.69 34.72 -17.86
N VAL A 223 -22.07 33.94 -18.86
CA VAL A 223 -22.73 32.66 -18.65
C VAL A 223 -22.01 31.59 -19.46
N TYR A 224 -21.88 30.41 -18.88
CA TYR A 224 -21.21 29.29 -19.52
C TYR A 224 -22.24 28.26 -19.96
N GLU A 225 -22.08 27.76 -21.18
CA GLU A 225 -22.90 26.69 -21.70
C GLU A 225 -22.00 25.65 -22.36
N TRP A 226 -22.49 24.42 -22.41
CA TRP A 226 -21.74 23.35 -23.05
C TRP A 226 -21.84 23.44 -24.56
N THR A 227 -20.72 23.16 -25.24
CA THR A 227 -20.65 23.33 -26.69
C THR A 227 -21.70 22.48 -27.40
N ARG A 228 -21.93 21.27 -26.90
CA ARG A 228 -22.91 20.36 -27.46
C ARG A 228 -23.72 19.75 -26.32
N GLU A 229 -24.45 18.69 -26.62
CA GLU A 229 -25.21 17.96 -25.60
C GLU A 229 -24.32 17.79 -24.37
N PRO A 230 -24.83 18.09 -23.17
CA PRO A 230 -23.94 18.09 -21.99
C PRO A 230 -23.18 16.79 -21.80
N ALA A 231 -23.82 15.64 -22.06
CA ALA A 231 -23.13 14.36 -21.91
C ALA A 231 -21.95 14.26 -22.88
N ARG A 232 -22.11 14.77 -24.09
CA ARG A 232 -21.06 14.68 -25.11
C ARG A 232 -20.05 15.82 -25.03
N SER A 233 -20.23 16.77 -24.12
CA SER A 233 -19.33 17.90 -24.02
C SER A 233 -18.13 17.63 -23.11
N VAL A 234 -18.13 16.53 -22.38
CA VAL A 234 -17.00 16.09 -21.57
C VAL A 234 -16.60 14.71 -22.04
N VAL A 235 -15.39 14.59 -22.60
CA VAL A 235 -14.91 13.35 -23.18
C VAL A 235 -13.66 12.91 -22.44
N VAL A 236 -13.64 11.64 -22.03
CA VAL A 236 -12.53 11.04 -21.30
C VAL A 236 -11.77 10.15 -22.28
N ALA A 237 -10.45 10.30 -22.31
CA ALA A 237 -9.65 9.48 -23.21
C ALA A 237 -9.77 8.01 -22.82
N GLU A 238 -9.76 7.14 -23.84
CA GLU A 238 -9.99 5.72 -23.62
C GLU A 238 -8.91 5.12 -22.72
N ASP A 239 -7.65 5.48 -22.96
CA ASP A 239 -6.52 4.91 -22.25
C ASP A 239 -5.89 5.90 -21.27
N GLY A 240 -6.63 6.95 -20.90
CA GLY A 240 -6.08 7.96 -20.01
C GLY A 240 -6.15 7.60 -18.55
N SER A 241 -6.77 6.46 -18.21
CA SER A 241 -6.95 6.09 -16.81
C SER A 241 -5.60 5.88 -16.15
N ARG A 242 -5.36 6.61 -15.06
CA ARG A 242 -4.19 6.40 -14.22
C ARG A 242 -4.56 5.86 -12.85
N LEU A 243 -5.77 5.33 -12.71
CA LEU A 243 -6.23 4.79 -11.44
C LEU A 243 -5.63 3.41 -11.22
N ASN A 244 -5.18 3.17 -9.99
CA ASN A 244 -4.63 1.88 -9.59
C ASN A 244 -5.65 1.03 -8.85
N GLN A 245 -6.25 1.55 -7.78
CA GLN A 245 -7.18 0.81 -6.95
C GLN A 245 -8.61 1.31 -7.12
N TYR A 246 -8.92 2.01 -8.21
CA TYR A 246 -10.25 2.54 -8.46
C TYR A 246 -10.66 2.25 -9.89
N ASP A 247 -11.97 2.17 -10.11
CA ASP A 247 -12.56 2.01 -11.43
C ASP A 247 -13.45 3.21 -11.73
N LEU A 248 -13.22 3.83 -12.89
CA LEU A 248 -14.02 4.98 -13.32
C LEU A 248 -15.24 4.47 -14.07
N LEU A 249 -16.39 4.46 -13.38
CA LEU A 249 -17.61 3.97 -14.00
C LEU A 249 -18.18 4.97 -15.00
N GLY A 250 -17.94 6.25 -14.79
CA GLY A 250 -18.47 7.28 -15.66
C GLY A 250 -18.45 8.61 -14.95
N GLN A 251 -19.06 9.61 -15.61
CA GLN A 251 -19.16 10.94 -15.05
C GLN A 251 -20.50 11.55 -15.42
N THR A 252 -20.95 12.50 -14.59
CA THR A 252 -22.15 13.27 -14.86
C THR A 252 -21.80 14.75 -14.94
N VAL A 253 -22.37 15.43 -15.93
CA VAL A 253 -22.08 16.82 -16.22
C VAL A 253 -23.29 17.67 -15.86
N ASP A 254 -23.06 18.78 -15.16
CA ASP A 254 -24.14 19.63 -14.68
C ASP A 254 -23.59 21.05 -14.51
N SER A 255 -24.51 21.99 -14.33
CA SER A 255 -24.16 23.37 -14.05
C SER A 255 -25.09 23.94 -12.98
N GLY A 256 -24.57 24.90 -12.22
CA GLY A 256 -25.34 25.49 -11.15
C GLY A 256 -24.99 26.95 -10.89
N ILE A 257 -25.43 27.48 -9.75
CA ILE A 257 -25.19 28.87 -9.38
C ILE A 257 -24.68 28.88 -7.94
N VAL A 258 -23.70 29.75 -7.68
CA VAL A 258 -23.18 29.95 -6.34
C VAL A 258 -23.27 31.44 -6.01
N GLN A 259 -23.80 31.76 -4.83
CA GLN A 259 -23.92 33.12 -4.34
C GLN A 259 -22.85 33.31 -3.27
N SER A 260 -21.84 34.11 -3.57
CA SER A 260 -20.74 34.39 -2.64
C SER A 260 -20.85 35.83 -2.14
N SER A 261 -19.90 36.22 -1.30
CA SER A 261 -19.89 37.58 -0.76
C SER A 261 -19.69 38.61 -1.86
N THR A 262 -19.02 38.24 -2.96
CA THR A 262 -18.74 39.19 -4.03
C THR A 262 -19.83 39.22 -5.09
N GLY A 263 -20.80 38.31 -5.04
CA GLY A 263 -21.90 38.31 -5.97
C GLY A 263 -22.32 36.89 -6.28
N GLU A 264 -23.02 36.75 -7.41
CA GLU A 264 -23.56 35.48 -7.87
C GLU A 264 -22.86 35.06 -9.15
N TYR A 265 -22.39 33.81 -9.19
CA TYR A 265 -21.54 33.33 -10.26
C TYR A 265 -22.11 32.02 -10.81
N VAL A 266 -21.89 31.80 -12.09
CA VAL A 266 -22.26 30.54 -12.73
C VAL A 266 -21.11 29.55 -12.55
N VAL A 267 -21.44 28.35 -12.11
CA VAL A 267 -20.46 27.30 -11.86
C VAL A 267 -20.82 26.10 -12.73
N MET A 268 -19.84 25.63 -13.50
CA MET A 268 -19.98 24.43 -14.31
C MET A 268 -19.31 23.28 -13.57
N THR A 269 -20.06 22.19 -13.40
CA THR A 269 -19.63 21.08 -12.56
C THR A 269 -19.65 19.78 -13.34
N THR A 270 -18.68 18.92 -13.05
CA THR A 270 -18.64 17.56 -13.55
C THR A 270 -18.28 16.66 -12.38
N HIS A 271 -19.04 15.58 -12.22
CA HIS A 271 -18.82 14.61 -11.17
C HIS A 271 -18.34 13.30 -11.79
N PHE A 272 -17.19 12.83 -11.35
CA PHE A 272 -16.62 11.56 -11.80
C PHE A 272 -16.96 10.49 -10.76
N HIS A 273 -17.66 9.46 -11.20
CA HIS A 273 -18.19 8.43 -10.31
C HIS A 273 -17.20 7.27 -10.24
N LEU A 274 -16.56 7.12 -9.08
CA LEU A 274 -15.50 6.15 -8.88
C LEU A 274 -16.00 5.06 -7.94
N LYS A 275 -15.63 3.83 -8.24
CA LYS A 275 -15.97 2.66 -7.43
C LYS A 275 -14.70 1.92 -7.04
N ARG A 276 -14.54 1.69 -5.74
CA ARG A 276 -13.35 1.04 -5.23
C ARG A 276 -13.34 -0.41 -5.71
N LYS A 277 -12.17 -0.94 -6.01
CA LYS A 277 -12.03 -2.34 -6.36
C LYS A 277 -11.71 -3.16 -5.12
N ILE A 278 -12.55 -4.17 -4.86
CA ILE A 278 -12.46 -4.94 -3.62
C ILE A 278 -11.46 -6.09 -3.72
N GLY A 279 -10.92 -6.33 -4.92
CA GLY A 279 -10.09 -7.52 -5.11
C GLY A 279 -8.92 -7.59 -4.16
N TYR A 280 -8.25 -6.46 -3.93
CA TYR A 280 -7.08 -6.48 -3.05
C TYR A 280 -7.47 -6.90 -1.64
N PHE A 281 -8.57 -6.32 -1.13
CA PHE A 281 -8.97 -6.59 0.25
C PHE A 281 -9.62 -7.95 0.41
N VAL A 282 -10.24 -8.48 -0.64
CA VAL A 282 -10.77 -9.84 -0.58
C VAL A 282 -9.64 -10.84 -0.35
N ILE A 283 -8.54 -10.69 -1.08
CA ILE A 283 -7.40 -11.57 -0.90
C ILE A 283 -6.71 -11.30 0.42
N GLN A 284 -6.52 -10.02 0.77
CA GLN A 284 -5.69 -9.68 1.91
C GLN A 284 -6.38 -9.98 3.24
N THR A 285 -7.67 -9.63 3.36
CA THR A 285 -8.35 -9.68 4.65
C THR A 285 -9.51 -10.65 4.69
N TYR A 286 -10.48 -10.53 3.78
CA TYR A 286 -11.71 -11.29 3.90
C TYR A 286 -11.48 -12.79 3.82
N LEU A 287 -10.77 -13.24 2.79
CA LEU A 287 -10.54 -14.67 2.63
C LEU A 287 -9.77 -15.30 3.78
N PRO A 288 -8.64 -14.76 4.23
CA PRO A 288 -7.99 -15.36 5.41
C PRO A 288 -8.89 -15.43 6.62
N CYS A 289 -9.70 -14.40 6.85
CA CYS A 289 -10.63 -14.42 7.97
C CYS A 289 -11.68 -15.51 7.81
N ILE A 290 -12.25 -15.66 6.60
CA ILE A 290 -13.27 -16.68 6.41
C ILE A 290 -12.69 -18.07 6.63
N MET A 291 -11.50 -18.34 6.11
CA MET A 291 -10.89 -19.64 6.31
C MET A 291 -10.59 -19.88 7.78
N THR A 292 -10.15 -18.83 8.48
CA THR A 292 -9.88 -18.95 9.91
C THR A 292 -11.14 -19.31 10.69
N VAL A 293 -12.27 -18.67 10.35
CA VAL A 293 -13.52 -19.00 11.02
C VAL A 293 -13.92 -20.44 10.73
N ILE A 294 -13.80 -20.86 9.47
CA ILE A 294 -14.09 -22.25 9.13
C ILE A 294 -13.12 -23.17 9.86
N LEU A 295 -11.84 -22.80 9.89
CA LEU A 295 -10.84 -23.62 10.55
C LEU A 295 -11.15 -23.79 12.04
N SER A 296 -11.60 -22.72 12.69
CA SER A 296 -11.90 -22.80 14.12
C SER A 296 -13.05 -23.78 14.40
N GLN A 297 -14.05 -23.81 13.53
CA GLN A 297 -15.20 -24.68 13.75
C GLN A 297 -14.89 -26.17 13.55
N VAL A 298 -13.73 -26.51 12.98
CA VAL A 298 -13.34 -27.90 12.88
C VAL A 298 -13.15 -28.51 14.27
N SER A 299 -12.87 -27.68 15.27
CA SER A 299 -12.64 -28.19 16.62
C SER A 299 -13.85 -28.93 17.14
N PHE A 300 -15.06 -28.56 16.71
CA PHE A 300 -16.25 -29.22 17.24
C PHE A 300 -16.25 -30.70 16.88
N TRP A 301 -15.51 -31.08 15.85
CA TRP A 301 -15.45 -32.47 15.39
C TRP A 301 -14.34 -33.26 16.07
N LEU A 302 -13.51 -32.62 16.88
CA LEU A 302 -12.46 -33.33 17.62
C LEU A 302 -12.99 -33.85 18.94
N ASN A 303 -12.41 -34.96 19.40
CA ASN A 303 -12.84 -35.55 20.65
C ASN A 303 -12.54 -34.63 21.84
N ARG A 304 -13.43 -34.65 22.82
CA ARG A 304 -13.33 -33.76 23.98
C ARG A 304 -12.14 -34.08 24.87
N GLU A 305 -11.54 -35.27 24.74
CA GLU A 305 -10.41 -35.67 25.56
C GLU A 305 -9.05 -35.22 25.03
N SER A 306 -9.02 -34.17 24.20
CA SER A 306 -7.75 -33.69 23.66
C SER A 306 -7.52 -32.26 24.15
N VAL A 307 -7.70 -32.05 25.45
CA VAL A 307 -7.69 -30.70 26.01
C VAL A 307 -6.43 -29.92 25.63
N PRO A 308 -5.22 -30.46 25.77
CA PRO A 308 -4.04 -29.69 25.34
C PRO A 308 -4.07 -29.28 23.88
N ALA A 309 -4.54 -30.17 23.01
CA ALA A 309 -4.55 -29.86 21.58
C ALA A 309 -5.57 -28.78 21.26
N ARG A 310 -6.80 -28.93 21.75
CA ARG A 310 -7.85 -27.98 21.43
C ARG A 310 -7.63 -26.62 22.10
N THR A 311 -7.04 -26.58 23.29
CA THR A 311 -6.72 -25.28 23.87
C THR A 311 -5.71 -24.54 23.01
N VAL A 312 -4.69 -25.23 22.52
CA VAL A 312 -3.72 -24.58 21.64
C VAL A 312 -4.41 -24.14 20.36
N PHE A 313 -5.35 -24.95 19.87
CA PHE A 313 -6.14 -24.59 18.69
C PHE A 313 -6.86 -23.28 18.91
N GLY A 314 -7.57 -23.15 20.04
CA GLY A 314 -8.36 -21.95 20.25
C GLY A 314 -7.47 -20.73 20.38
N VAL A 315 -6.41 -20.84 21.17
CA VAL A 315 -5.56 -19.69 21.45
C VAL A 315 -4.82 -19.27 20.18
N THR A 316 -4.28 -20.25 19.45
CA THR A 316 -3.52 -19.94 18.24
C THR A 316 -4.40 -19.27 17.19
N THR A 317 -5.63 -19.77 17.01
CA THR A 317 -6.53 -19.18 16.03
C THR A 317 -6.91 -17.76 16.41
N VAL A 318 -7.16 -17.50 17.69
CA VAL A 318 -7.45 -16.14 18.14
C VAL A 318 -6.26 -15.23 17.87
N LEU A 319 -5.05 -15.74 18.12
CA LEU A 319 -3.85 -14.98 17.81
C LEU A 319 -3.77 -14.65 16.32
N THR A 320 -4.07 -15.62 15.46
CA THR A 320 -4.01 -15.36 14.03
C THR A 320 -5.00 -14.27 13.62
N MET A 321 -6.22 -14.32 14.15
CA MET A 321 -7.21 -13.30 13.82
C MET A 321 -6.74 -11.94 14.32
N THR A 322 -6.11 -11.91 15.50
CA THR A 322 -5.56 -10.67 16.01
C THR A 322 -4.49 -10.12 15.06
N THR A 323 -3.61 -10.98 14.57
CA THR A 323 -2.59 -10.53 13.63
C THR A 323 -3.22 -10.00 12.35
N LEU A 324 -4.22 -10.71 11.82
CA LEU A 324 -4.84 -10.27 10.57
C LEU A 324 -5.54 -8.94 10.75
N SER A 325 -6.22 -8.77 11.89
CA SER A 325 -6.94 -7.53 12.16
C SER A 325 -5.97 -6.35 12.22
N ILE A 326 -4.81 -6.56 12.85
CA ILE A 326 -3.85 -5.47 12.99
C ILE A 326 -3.36 -5.02 11.62
N SER A 327 -3.08 -5.97 10.72
CA SER A 327 -2.50 -5.59 9.44
C SER A 327 -3.54 -5.07 8.45
N ALA A 328 -4.83 -5.23 8.76
CA ALA A 328 -5.86 -4.83 7.81
C ALA A 328 -5.93 -3.31 7.69
N ARG A 329 -5.89 -2.62 8.83
CA ARG A 329 -5.95 -1.16 8.88
C ARG A 329 -4.56 -0.53 8.90
N ASN A 330 -3.50 -1.32 8.81
CA ASN A 330 -2.15 -0.78 8.78
C ASN A 330 -2.00 0.28 7.70
N SER A 331 -2.68 0.10 6.58
CA SER A 331 -2.57 1.00 5.44
C SER A 331 -3.60 2.11 5.46
N LEU A 332 -4.80 1.86 5.97
CA LEU A 332 -5.87 2.84 5.89
C LEU A 332 -5.57 4.03 6.81
N PRO A 333 -6.00 5.23 6.42
CA PRO A 333 -5.89 6.37 7.34
C PRO A 333 -6.77 6.22 8.56
N LYS A 334 -6.34 6.86 9.65
CA LYS A 334 -6.98 6.74 10.95
C LYS A 334 -8.27 7.58 10.94
N VAL A 335 -9.34 6.99 10.44
CA VAL A 335 -10.64 7.66 10.40
C VAL A 335 -11.41 7.29 11.65
N ALA A 336 -12.13 8.27 12.22
CA ALA A 336 -12.85 8.01 13.46
C ALA A 336 -13.97 6.99 13.28
N TYR A 337 -14.75 7.09 12.21
CA TYR A 337 -15.86 6.18 12.05
C TYR A 337 -15.37 4.79 11.67
N ALA A 338 -16.21 3.79 11.95
CA ALA A 338 -15.91 2.41 11.61
C ALA A 338 -16.32 2.09 10.19
N THR A 339 -15.49 1.31 9.49
CA THR A 339 -15.80 0.92 8.14
C THR A 339 -16.51 -0.44 8.10
N ALA A 340 -16.98 -0.80 6.91
CA ALA A 340 -17.63 -2.10 6.70
C ALA A 340 -16.67 -3.25 6.98
N MET A 341 -15.39 -3.08 6.62
CA MET A 341 -14.40 -4.11 6.89
C MET A 341 -14.24 -4.37 8.39
N ASP A 342 -14.26 -3.31 9.19
CA ASP A 342 -14.12 -3.50 10.63
C ASP A 342 -15.24 -4.36 11.19
N TRP A 343 -16.48 -4.14 10.74
CA TRP A 343 -17.58 -4.97 11.19
C TRP A 343 -17.38 -6.43 10.83
N PHE A 344 -16.91 -6.70 9.61
CA PHE A 344 -16.66 -8.08 9.21
C PHE A 344 -15.57 -8.72 10.07
N ILE A 345 -14.49 -7.99 10.32
CA ILE A 345 -13.40 -8.53 11.13
C ILE A 345 -13.88 -8.77 12.56
N ALA A 346 -14.63 -7.83 13.12
CA ALA A 346 -15.11 -7.98 14.49
C ALA A 346 -16.01 -9.20 14.63
N VAL A 347 -16.91 -9.41 13.67
CA VAL A 347 -17.79 -10.57 13.73
C VAL A 347 -16.98 -11.85 13.62
N CYS A 348 -16.00 -11.90 12.71
CA CYS A 348 -15.16 -13.07 12.60
C CYS A 348 -14.39 -13.32 13.89
N TYR A 349 -13.90 -12.26 14.53
CA TYR A 349 -13.20 -12.42 15.80
C TYR A 349 -14.10 -13.04 16.87
N ALA A 350 -15.36 -12.62 16.91
CA ALA A 350 -16.29 -13.19 17.88
C ALA A 350 -16.51 -14.68 17.63
N PHE A 351 -16.66 -15.07 16.36
CA PHE A 351 -16.84 -16.47 16.03
C PHE A 351 -15.64 -17.31 16.46
N VAL A 352 -14.42 -16.83 16.18
CA VAL A 352 -13.24 -17.57 16.60
C VAL A 352 -13.15 -17.62 18.11
N PHE A 353 -13.39 -16.49 18.78
CA PHE A 353 -13.34 -16.48 20.24
C PHE A 353 -14.41 -17.41 20.82
N SER A 354 -15.62 -17.37 20.25
CA SER A 354 -16.71 -18.21 20.74
C SER A 354 -16.43 -19.68 20.54
N ALA A 355 -15.66 -20.03 19.50
CA ALA A 355 -15.35 -21.44 19.28
C ALA A 355 -14.57 -21.99 20.46
N LEU A 356 -13.62 -21.21 20.97
CA LEU A 356 -12.84 -21.61 22.12
C LEU A 356 -13.68 -21.60 23.38
N ILE A 357 -14.58 -20.61 23.52
CA ILE A 357 -15.48 -20.58 24.66
C ILE A 357 -16.38 -21.82 24.68
N GLU A 358 -16.80 -22.28 23.50
CA GLU A 358 -17.61 -23.49 23.45
C GLU A 358 -16.86 -24.69 24.02
N PHE A 359 -15.58 -24.82 23.68
CA PHE A 359 -14.81 -25.95 24.23
C PHE A 359 -14.67 -25.84 25.74
N ALA A 360 -14.47 -24.64 26.27
CA ALA A 360 -14.36 -24.49 27.71
C ALA A 360 -15.63 -24.99 28.41
N THR A 361 -16.80 -24.69 27.84
CA THR A 361 -18.04 -25.21 28.37
C THR A 361 -18.11 -26.73 28.28
N VAL A 362 -17.67 -27.28 27.14
CA VAL A 362 -17.69 -28.73 26.95
C VAL A 362 -16.79 -29.42 27.96
N ASN A 363 -15.58 -28.89 28.16
CA ASN A 363 -14.67 -29.51 29.12
C ASN A 363 -15.24 -29.48 30.54
N TYR A 364 -15.99 -28.43 30.88
CA TYR A 364 -16.53 -28.35 32.24
C TYR A 364 -17.47 -29.50 32.54
N PHE A 365 -18.17 -30.00 31.53
CA PHE A 365 -19.12 -31.10 31.68
C PHE A 365 -18.53 -32.45 31.29
N THR A 366 -17.22 -32.51 31.04
CA THR A 366 -16.56 -33.76 30.71
C THR A 366 -16.26 -34.53 31.98
N LYS A 367 -16.84 -35.73 32.11
CA LYS A 367 -16.70 -36.53 33.31
C LYS A 367 -15.39 -37.32 33.29
N SER A 443 -19.47 -39.63 26.63
CA SER A 443 -20.26 -39.54 25.42
C SER A 443 -19.92 -38.26 24.66
N VAL A 444 -20.23 -38.25 23.36
CA VAL A 444 -20.03 -37.05 22.56
C VAL A 444 -20.90 -35.92 23.11
N SER A 445 -20.29 -34.77 23.35
CA SER A 445 -21.00 -33.66 23.96
C SER A 445 -22.15 -33.20 23.07
N LYS A 446 -23.30 -32.96 23.69
CA LYS A 446 -24.44 -32.40 22.95
C LYS A 446 -24.15 -30.98 22.48
N ILE A 447 -23.37 -30.22 23.24
CA ILE A 447 -23.02 -28.86 22.84
C ILE A 447 -22.24 -28.88 21.53
N ASP A 448 -21.28 -29.80 21.41
CA ASP A 448 -20.53 -29.93 20.18
C ASP A 448 -21.44 -30.25 19.00
N ARG A 449 -22.37 -31.20 19.20
CA ARG A 449 -23.25 -31.59 18.11
C ARG A 449 -24.09 -30.41 17.62
N LEU A 450 -24.57 -29.58 18.55
CA LEU A 450 -25.36 -28.42 18.15
C LEU A 450 -24.47 -27.33 17.56
N SER A 451 -23.29 -27.12 18.13
CA SER A 451 -22.37 -26.11 17.60
C SER A 451 -21.97 -26.43 16.17
N ARG A 452 -21.92 -27.72 15.82
CA ARG A 452 -21.58 -28.12 14.46
C ARG A 452 -22.56 -27.56 13.43
N ILE A 453 -23.77 -27.21 13.85
CA ILE A 453 -24.78 -26.68 12.94
C ILE A 453 -25.02 -25.20 13.16
N ALA A 454 -25.11 -24.75 14.42
CA ALA A 454 -25.41 -23.35 14.67
C ALA A 454 -24.31 -22.43 14.14
N PHE A 455 -23.06 -22.73 14.45
CA PHE A 455 -21.97 -21.85 14.04
C PHE A 455 -21.85 -21.71 12.54
N PRO A 456 -21.75 -22.79 11.76
CA PRO A 456 -21.71 -22.61 10.29
C PRO A 456 -22.94 -21.92 9.73
N LEU A 457 -24.13 -22.20 10.29
CA LEU A 457 -25.34 -21.60 9.78
C LEU A 457 -25.35 -20.09 9.98
N LEU A 458 -25.08 -19.64 11.20
CA LEU A 458 -25.12 -18.20 11.48
C LEU A 458 -24.09 -17.45 10.64
N PHE A 459 -22.87 -17.98 10.54
CA PHE A 459 -21.84 -17.33 9.76
C PHE A 459 -22.23 -17.26 8.28
N GLY A 460 -22.81 -18.34 7.75
CA GLY A 460 -23.28 -18.30 6.38
C GLY A 460 -24.37 -17.27 6.15
N ILE A 461 -25.29 -17.16 7.10
CA ILE A 461 -26.34 -16.16 6.98
C ILE A 461 -25.76 -14.76 7.05
N PHE A 462 -24.78 -14.54 7.93
CA PHE A 462 -24.17 -13.22 8.07
C PHE A 462 -23.51 -12.79 6.76
N ASN A 463 -22.82 -13.69 6.08
CA ASN A 463 -22.20 -13.34 4.81
C ASN A 463 -23.23 -12.93 3.77
N LEU A 464 -24.35 -13.66 3.70
CA LEU A 464 -25.39 -13.32 2.73
C LEU A 464 -25.94 -11.92 2.95
N VAL A 465 -26.22 -11.57 4.21
CA VAL A 465 -26.73 -10.23 4.49
C VAL A 465 -25.65 -9.18 4.25
N TYR A 466 -24.43 -9.45 4.69
CA TYR A 466 -23.36 -8.45 4.56
C TYR A 466 -23.07 -8.16 3.09
N TRP A 467 -22.82 -9.20 2.29
CA TRP A 467 -22.45 -8.96 0.89
C TRP A 467 -23.63 -8.43 0.09
N ALA A 468 -24.84 -8.89 0.40
CA ALA A 468 -26.02 -8.39 -0.28
C ALA A 468 -26.27 -6.92 0.02
N THR A 469 -25.91 -6.48 1.23
CA THR A 469 -26.16 -5.10 1.62
C THR A 469 -25.22 -4.14 0.90
N TYR A 470 -23.94 -4.47 0.81
CA TYR A 470 -22.92 -3.59 0.26
C TYR A 470 -22.66 -3.81 -1.22
N LEU A 471 -23.32 -4.78 -1.86
CA LEU A 471 -23.17 -5.00 -3.30
C LEU A 471 -24.42 -4.69 -4.10
N ASN A 472 -25.61 -4.84 -3.53
CA ASN A 472 -26.82 -4.49 -4.24
C ASN A 472 -26.89 -3.00 -4.57
N ARG A 473 -26.12 -2.17 -3.87
CA ARG A 473 -26.13 -0.73 -4.10
C ARG A 473 -25.42 -0.40 -5.40
N ALA B 2 -19.94 -51.05 -9.21
CA ALA B 2 -19.13 -51.35 -8.00
C ALA B 2 -19.33 -50.27 -6.95
N SER B 3 -18.65 -50.41 -5.81
CA SER B 3 -18.77 -49.43 -4.74
C SER B 3 -18.16 -48.10 -5.17
N PRO B 4 -18.71 -46.98 -4.69
CA PRO B 4 -18.13 -45.68 -5.07
C PRO B 4 -16.65 -45.57 -4.71
N ARG B 5 -16.25 -46.13 -3.58
CA ARG B 5 -14.83 -46.08 -3.20
C ARG B 5 -13.97 -46.84 -4.20
N THR B 6 -14.42 -48.01 -4.63
CA THR B 6 -13.65 -48.78 -5.60
C THR B 6 -13.52 -48.03 -6.92
N VAL B 7 -14.60 -47.41 -7.38
CA VAL B 7 -14.55 -46.65 -8.63
C VAL B 7 -13.73 -45.38 -8.44
N THR B 8 -13.96 -44.67 -7.33
CA THR B 8 -13.33 -43.36 -7.14
C THR B 8 -11.81 -43.49 -7.07
N ILE B 9 -11.29 -44.49 -6.35
CA ILE B 9 -9.85 -44.62 -6.18
C ILE B 9 -9.18 -44.83 -7.53
N VAL B 10 -9.76 -45.67 -8.39
CA VAL B 10 -9.16 -45.95 -9.69
C VAL B 10 -9.09 -44.68 -10.53
N ALA B 11 -10.17 -43.89 -10.53
CA ALA B 11 -10.19 -42.67 -11.34
C ALA B 11 -9.08 -41.72 -10.91
N LEU B 12 -8.95 -41.49 -9.60
CA LEU B 12 -7.91 -40.60 -9.12
C LEU B 12 -6.52 -41.17 -9.41
N SER B 13 -6.33 -42.47 -9.19
CA SER B 13 -5.03 -43.07 -9.42
C SER B 13 -4.63 -42.99 -10.88
N VAL B 14 -5.56 -43.25 -11.79
CA VAL B 14 -5.26 -43.16 -13.22
C VAL B 14 -5.08 -41.72 -13.64
N ALA B 15 -5.98 -40.83 -13.20
CA ALA B 15 -5.95 -39.45 -13.66
C ALA B 15 -4.66 -38.76 -13.23
N LEU B 16 -4.28 -38.92 -11.96
CA LEU B 16 -3.06 -38.27 -11.47
C LEU B 16 -1.84 -38.79 -12.20
N GLY B 17 -1.74 -40.10 -12.37
CA GLY B 17 -0.64 -40.65 -13.15
C GLY B 17 -0.69 -40.22 -14.61
N LEU B 18 -1.90 -40.10 -15.15
CA LEU B 18 -2.05 -39.61 -16.52
C LEU B 18 -1.60 -38.16 -16.64
N PHE B 19 -1.97 -37.32 -15.67
CA PHE B 19 -1.60 -35.91 -15.73
C PHE B 19 -0.13 -35.69 -15.38
N PHE B 20 0.37 -36.38 -14.34
CA PHE B 20 1.74 -36.14 -13.90
C PHE B 20 2.76 -36.67 -14.91
N VAL B 21 2.46 -37.81 -15.55
CA VAL B 21 3.33 -38.29 -16.62
C VAL B 21 3.31 -37.31 -17.78
N PHE B 22 2.15 -36.70 -18.05
CA PHE B 22 2.06 -35.68 -19.09
C PHE B 22 2.97 -34.49 -18.76
N MET B 23 2.98 -34.05 -17.51
CA MET B 23 3.88 -32.97 -17.12
C MET B 23 5.33 -33.40 -17.23
N GLY B 24 5.64 -34.63 -16.81
CA GLY B 24 7.01 -35.10 -16.90
C GLY B 24 7.53 -35.15 -18.32
N THR B 25 6.66 -35.48 -19.28
CA THR B 25 7.06 -35.47 -20.68
C THR B 25 7.44 -34.07 -21.13
N ILE B 26 6.70 -33.06 -20.68
CA ILE B 26 6.95 -31.69 -21.11
C ILE B 26 8.36 -31.26 -20.73
N LYS B 27 8.76 -31.56 -19.48
CA LYS B 27 10.08 -31.18 -19.02
C LYS B 27 11.21 -31.93 -19.73
N LEU B 28 10.90 -32.98 -20.48
CA LEU B 28 11.90 -33.81 -21.13
C LEU B 28 11.82 -33.73 -22.65
N THR B 29 10.67 -34.03 -23.24
CA THR B 29 10.52 -34.06 -24.69
C THR B 29 9.53 -32.98 -25.13
N PRO B 30 9.96 -31.97 -25.88
CA PRO B 30 9.04 -30.90 -26.28
C PRO B 30 8.10 -31.27 -27.42
N ARG B 31 8.05 -32.54 -27.83
CA ARG B 31 7.23 -32.91 -28.97
C ARG B 31 5.75 -32.64 -28.71
N LEU B 32 5.28 -32.94 -27.50
CA LEU B 32 3.87 -32.69 -27.19
C LEU B 32 3.54 -31.21 -27.28
N SER B 33 4.40 -30.36 -26.73
CA SER B 33 4.18 -28.91 -26.76
C SER B 33 5.53 -28.23 -26.65
N LYS B 34 6.05 -27.74 -27.77
CA LYS B 34 7.35 -27.09 -27.76
C LYS B 34 7.34 -25.82 -26.91
N ASP B 35 6.24 -25.06 -26.99
CA ASP B 35 6.15 -23.82 -26.21
C ASP B 35 6.22 -24.12 -24.72
N ALA B 36 5.55 -25.18 -24.27
CA ALA B 36 5.55 -25.51 -22.86
C ALA B 36 6.96 -25.80 -22.36
N TYR B 37 7.74 -26.56 -23.12
CA TYR B 37 9.12 -26.84 -22.74
C TYR B 37 9.95 -25.57 -22.72
N SER B 38 9.73 -24.68 -23.68
CA SER B 38 10.50 -23.44 -23.73
C SER B 38 10.28 -22.60 -22.48
N GLU B 39 9.02 -22.44 -22.07
CA GLU B 39 8.74 -21.71 -20.84
C GLU B 39 9.12 -22.50 -19.61
N MET B 40 8.97 -23.82 -19.65
CA MET B 40 9.29 -24.65 -18.49
C MET B 40 10.77 -24.54 -18.14
N LYS B 41 11.64 -24.58 -19.15
CA LYS B 41 13.07 -24.49 -18.87
C LYS B 41 13.42 -23.14 -18.24
N ARG B 42 12.71 -22.08 -18.63
CA ARG B 42 12.93 -20.79 -18.00
C ARG B 42 12.65 -20.84 -16.51
N ALA B 43 11.56 -21.52 -16.13
CA ALA B 43 11.20 -21.60 -14.72
C ALA B 43 12.29 -22.29 -13.91
N TYR B 44 12.81 -23.41 -14.43
CA TYR B 44 13.82 -24.16 -13.71
C TYR B 44 15.19 -23.46 -13.76
N LYS B 45 15.41 -22.58 -14.74
CA LYS B 45 16.59 -21.75 -14.70
C LYS B 45 16.56 -20.79 -13.52
N SER B 46 15.40 -20.20 -13.24
CA SER B 46 15.27 -19.28 -12.13
C SER B 46 15.44 -20.00 -10.80
N TYR B 47 14.86 -21.19 -10.66
CA TYR B 47 14.84 -21.89 -9.38
C TYR B 47 16.26 -22.17 -8.89
N VAL B 48 17.09 -22.76 -9.75
CA VAL B 48 18.48 -23.01 -9.38
C VAL B 48 19.20 -21.69 -9.16
N ARG B 49 18.97 -20.71 -10.04
CA ARG B 49 19.57 -19.40 -9.86
C ARG B 49 19.14 -18.76 -8.55
N ALA B 50 17.98 -19.13 -8.04
CA ALA B 50 17.50 -18.68 -6.74
C ALA B 50 17.82 -19.65 -5.62
N LEU B 51 18.61 -20.69 -5.91
CA LEU B 51 19.07 -21.63 -4.89
C LEU B 51 20.56 -21.88 -5.11
N PRO B 52 21.40 -20.88 -4.81
CA PRO B 52 22.83 -21.02 -5.09
C PRO B 52 23.44 -22.33 -4.61
N LEU B 53 23.23 -22.70 -3.35
CA LEU B 53 23.84 -23.92 -2.83
C LEU B 53 23.47 -25.13 -3.67
N LEU B 54 22.25 -25.14 -4.23
CA LEU B 54 21.88 -26.20 -5.15
C LEU B 54 22.85 -26.26 -6.32
N LYS B 55 23.27 -25.09 -6.82
CA LYS B 55 24.23 -25.02 -7.92
C LYS B 55 25.67 -25.08 -7.45
N LYS B 56 25.93 -24.97 -6.15
CA LYS B 56 27.29 -25.05 -5.62
C LYS B 56 27.78 -26.49 -5.49
N MET B 57 26.89 -27.47 -5.63
CA MET B 57 27.26 -28.88 -5.54
C MET B 57 27.33 -29.54 -6.91
N GLY B 58 27.40 -28.75 -7.98
CA GLY B 58 27.47 -29.28 -9.32
C GLY B 58 26.14 -29.61 -9.95
N ILE B 59 25.03 -29.31 -9.29
CA ILE B 59 23.71 -29.62 -9.80
C ILE B 59 23.22 -28.45 -10.64
N ASN B 60 22.89 -28.72 -11.90
CA ASN B 60 22.43 -27.70 -12.83
C ASN B 60 20.92 -27.85 -13.04
N SER B 61 20.35 -26.91 -13.79
CA SER B 61 18.93 -26.96 -14.09
C SER B 61 18.59 -28.17 -14.95
N ILE B 62 19.48 -28.52 -15.88
CA ILE B 62 19.23 -29.67 -16.76
C ILE B 62 19.11 -30.94 -15.93
N LEU B 63 20.02 -31.14 -14.98
CA LEU B 63 19.93 -32.30 -14.11
C LEU B 63 18.69 -32.24 -13.24
N LEU B 64 18.37 -31.05 -12.73
CA LEU B 64 17.15 -30.89 -11.93
C LEU B 64 15.91 -31.17 -12.76
N ARG B 65 15.85 -30.62 -13.97
CA ARG B 65 14.66 -30.80 -14.81
C ARG B 65 14.47 -32.28 -15.16
N LYS B 66 15.57 -32.97 -15.47
CA LYS B 66 15.46 -34.38 -15.83
C LYS B 66 14.99 -35.23 -14.65
N SER B 67 15.53 -34.98 -13.46
CA SER B 67 15.21 -35.83 -12.31
C SER B 67 13.73 -35.74 -11.97
N ILE B 68 13.20 -34.52 -11.86
CA ILE B 68 11.79 -34.36 -11.50
C ILE B 68 10.89 -35.01 -12.55
N GLY B 69 11.19 -34.76 -13.83
CA GLY B 69 10.41 -35.39 -14.88
C GLY B 69 10.51 -36.90 -14.87
N ALA B 70 11.70 -37.42 -14.55
CA ALA B 70 11.89 -38.86 -14.52
C ALA B 70 11.05 -39.52 -13.43
N LEU B 71 10.99 -38.89 -12.25
CA LEU B 71 10.26 -39.50 -11.14
C LEU B 71 8.75 -39.38 -11.35
N GLU B 72 8.28 -38.25 -11.88
CA GLU B 72 6.86 -38.08 -12.10
C GLU B 72 6.32 -39.12 -13.09
N VAL B 73 7.05 -39.34 -14.20
CA VAL B 73 6.60 -40.33 -15.16
C VAL B 73 6.71 -41.73 -14.59
N ALA B 74 7.82 -42.02 -13.91
CA ALA B 74 7.99 -43.34 -13.30
C ALA B 74 6.90 -43.60 -12.27
N CYS B 75 6.60 -42.61 -11.44
CA CYS B 75 5.55 -42.75 -10.44
C CYS B 75 4.17 -42.62 -11.07
N GLY B 76 4.03 -41.83 -12.13
CA GLY B 76 2.73 -41.67 -12.77
C GLY B 76 2.24 -42.94 -13.41
N ILE B 77 3.12 -43.66 -14.11
CA ILE B 77 2.71 -44.91 -14.74
C ILE B 77 2.43 -45.96 -13.68
N VAL B 78 3.22 -45.97 -12.60
CA VAL B 78 3.01 -46.95 -11.54
C VAL B 78 1.64 -46.79 -10.93
N MET B 79 1.22 -45.54 -10.69
CA MET B 79 -0.11 -45.29 -10.12
C MET B 79 -1.23 -45.60 -11.10
N THR B 80 -0.92 -45.87 -12.36
CA THR B 80 -1.92 -46.19 -13.37
C THR B 80 -2.07 -47.68 -13.61
N LEU B 81 -0.97 -48.43 -13.59
CA LEU B 81 -0.98 -49.84 -13.98
C LEU B 81 -0.64 -50.77 -12.83
N VAL B 82 0.49 -50.58 -12.17
CA VAL B 82 0.98 -51.52 -11.15
C VAL B 82 0.11 -51.41 -9.90
N PRO B 83 -0.54 -52.50 -9.47
CA PRO B 83 -1.29 -52.46 -8.22
C PRO B 83 -0.44 -52.90 -7.02
N GLY B 84 -0.98 -52.63 -5.83
CA GLY B 84 -0.38 -53.09 -4.60
C GLY B 84 0.38 -52.00 -3.87
N ARG B 85 1.24 -52.45 -2.95
CA ARG B 85 2.01 -51.51 -2.15
C ARG B 85 2.85 -50.55 -2.98
N PRO B 86 3.55 -51.00 -4.03
CA PRO B 86 4.31 -50.04 -4.84
C PRO B 86 3.47 -48.91 -5.39
N LYS B 87 2.19 -49.17 -5.67
CA LYS B 87 1.31 -48.11 -6.14
C LYS B 87 1.19 -47.00 -5.12
N ASP B 88 1.04 -47.36 -3.84
CA ASP B 88 0.97 -46.34 -2.78
C ASP B 88 2.32 -45.68 -2.57
N VAL B 89 3.41 -46.43 -2.71
CA VAL B 89 4.73 -45.84 -2.54
C VAL B 89 4.95 -44.74 -3.57
N ALA B 90 4.51 -44.97 -4.81
CA ALA B 90 4.61 -43.93 -5.83
C ALA B 90 3.83 -42.69 -5.40
N ASN B 91 2.67 -42.88 -4.79
CA ASN B 91 1.86 -41.74 -4.35
C ASN B 91 2.63 -40.91 -3.34
N PHE B 92 3.30 -41.55 -2.38
CA PHE B 92 4.05 -40.80 -1.39
C PHE B 92 5.18 -40.00 -2.02
N PHE B 93 5.88 -40.59 -2.98
CA PHE B 93 6.98 -39.87 -3.62
C PHE B 93 6.48 -38.64 -4.36
N LEU B 94 5.34 -38.77 -5.05
CA LEU B 94 4.75 -37.59 -5.69
C LEU B 94 4.43 -36.53 -4.65
N LEU B 95 3.87 -36.95 -3.51
CA LEU B 95 3.60 -36.01 -2.43
C LEU B 95 4.88 -35.33 -1.96
N LEU B 96 6.02 -36.00 -2.11
CA LEU B 96 7.30 -35.43 -1.73
C LEU B 96 7.89 -34.53 -2.81
N LEU B 97 7.32 -34.54 -4.02
CA LEU B 97 7.77 -33.66 -5.09
C LEU B 97 6.89 -32.43 -5.26
N VAL B 98 5.59 -32.55 -4.98
CA VAL B 98 4.70 -31.41 -5.14
C VAL B 98 5.13 -30.26 -4.25
N LEU B 99 5.46 -30.55 -2.99
CA LEU B 99 5.93 -29.50 -2.09
C LEU B 99 7.22 -28.89 -2.63
N ALA B 100 8.11 -29.71 -3.17
CA ALA B 100 9.31 -29.18 -3.80
C ALA B 100 8.95 -28.28 -4.97
N VAL B 101 7.99 -28.70 -5.79
CA VAL B 101 7.49 -27.83 -6.85
C VAL B 101 6.84 -26.59 -6.24
N LEU B 102 6.01 -26.77 -5.22
CA LEU B 102 5.38 -25.64 -4.56
C LEU B 102 6.38 -24.84 -3.74
N PHE B 103 7.51 -25.44 -3.35
CA PHE B 103 8.58 -24.69 -2.71
C PHE B 103 9.39 -23.88 -3.71
N PHE B 104 9.37 -24.24 -4.99
CA PHE B 104 10.04 -23.47 -6.03
C PHE B 104 9.17 -22.34 -6.56
N HIS B 105 7.89 -22.63 -6.83
CA HIS B 105 7.00 -21.59 -7.34
C HIS B 105 6.82 -20.47 -6.30
N GLN B 106 6.68 -20.85 -5.02
CA GLN B 106 6.59 -19.84 -3.97
C GLN B 106 7.93 -19.18 -3.69
N LEU B 107 9.04 -19.78 -4.11
CA LEU B 107 10.36 -19.18 -3.95
C LEU B 107 10.67 -18.20 -5.06
N VAL B 108 9.78 -18.05 -6.04
CA VAL B 108 9.93 -17.07 -7.11
C VAL B 108 8.75 -16.12 -7.18
N GLY B 109 7.71 -16.33 -6.38
CA GLY B 109 6.58 -15.43 -6.36
C GLY B 109 5.73 -15.47 -7.60
N ASP B 110 5.52 -16.65 -8.18
CA ASP B 110 4.66 -16.77 -9.33
C ASP B 110 3.19 -16.68 -8.92
N PRO B 111 2.32 -16.21 -9.81
CA PRO B 111 0.90 -16.08 -9.46
C PRO B 111 0.25 -17.44 -9.23
N LEU B 112 -1.00 -17.38 -8.77
CA LEU B 112 -1.73 -18.60 -8.47
C LEU B 112 -1.94 -19.43 -9.73
N LYS B 113 -2.25 -18.79 -10.85
CA LYS B 113 -2.58 -19.53 -12.06
C LYS B 113 -1.46 -20.49 -12.46
N ARG B 114 -0.21 -20.07 -12.25
CA ARG B 114 0.91 -20.92 -12.66
C ARG B 114 0.95 -22.22 -11.87
N TYR B 115 0.85 -22.12 -10.53
CA TYR B 115 0.97 -23.28 -9.66
C TYR B 115 -0.37 -23.78 -9.14
N ALA B 116 -1.48 -23.31 -9.71
CA ALA B 116 -2.78 -23.80 -9.27
C ALA B 116 -2.94 -25.28 -9.56
N HIS B 117 -2.49 -25.74 -10.73
CA HIS B 117 -2.68 -27.13 -11.11
C HIS B 117 -1.99 -28.07 -10.13
N ALA B 118 -0.77 -27.73 -9.72
CA ALA B 118 -0.05 -28.58 -8.77
C ALA B 118 -0.77 -28.66 -7.44
N LEU B 119 -1.27 -27.52 -6.94
CA LEU B 119 -1.96 -27.52 -5.66
C LEU B 119 -3.22 -28.37 -5.70
N VAL B 120 -4.00 -28.25 -6.78
CA VAL B 120 -5.25 -29.00 -6.86
C VAL B 120 -4.97 -30.50 -6.82
N PHE B 121 -3.98 -30.95 -7.60
CA PHE B 121 -3.63 -32.36 -7.60
C PHE B 121 -2.97 -32.77 -6.29
N GLY B 122 -2.36 -31.82 -5.57
CA GLY B 122 -1.83 -32.15 -4.26
C GLY B 122 -2.92 -32.58 -3.30
N ILE B 123 -4.07 -31.90 -3.34
CA ILE B 123 -5.19 -32.31 -2.50
C ILE B 123 -5.71 -33.67 -2.93
N LEU B 124 -5.86 -33.87 -4.24
CA LEU B 124 -6.33 -35.17 -4.73
C LEU B 124 -5.29 -36.26 -4.47
N LEU B 125 -4.01 -35.93 -4.63
CA LEU B 125 -2.97 -36.93 -4.46
C LEU B 125 -2.97 -37.50 -3.04
N THR B 126 -3.08 -36.62 -2.04
CA THR B 126 -3.17 -37.10 -0.67
C THR B 126 -4.51 -37.77 -0.40
N CYS B 127 -5.60 -37.21 -0.94
CA CYS B 127 -6.91 -37.81 -0.74
C CYS B 127 -6.94 -39.25 -1.22
N ARG B 128 -6.25 -39.53 -2.32
CA ARG B 128 -6.17 -40.91 -2.81
C ARG B 128 -5.46 -41.80 -1.79
N LEU B 129 -4.41 -41.30 -1.16
CA LEU B 129 -3.68 -42.09 -0.18
C LEU B 129 -4.54 -42.43 1.02
N LEU B 130 -5.36 -41.48 1.47
CA LEU B 130 -6.24 -41.74 2.61
C LEU B 130 -7.20 -42.88 2.32
N ILE B 131 -7.51 -43.14 1.05
CA ILE B 131 -8.42 -44.21 0.68
C ILE B 131 -7.62 -45.35 0.08
N ALA B 132 -6.36 -45.47 0.49
CA ALA B 132 -5.52 -46.54 -0.05
C ALA B 132 -6.07 -47.92 0.28
N ARG B 133 -6.53 -48.11 1.51
CA ARG B 133 -7.06 -49.40 1.92
C ARG B 133 -8.06 -49.18 3.04
N LYS B 134 -8.90 -50.20 3.26
CA LYS B 134 -9.92 -50.14 4.30
C LYS B 134 -9.31 -50.39 5.67
N ALA C 2 0.87 -25.96 49.19
CA ALA C 2 -0.22 -26.77 48.55
C ALA C 2 0.16 -27.12 47.11
N SER C 3 -0.72 -27.83 46.43
CA SER C 3 -0.47 -28.22 45.06
C SER C 3 -0.43 -26.98 44.15
N PRO C 4 0.39 -27.00 43.09
CA PRO C 4 0.41 -25.84 42.19
C PRO C 4 -0.95 -25.51 41.61
N ARG C 5 -1.75 -26.53 41.29
CA ARG C 5 -3.09 -26.27 40.75
C ARG C 5 -3.96 -25.55 41.78
N THR C 6 -3.90 -25.96 43.04
CA THR C 6 -4.69 -25.31 44.07
C THR C 6 -4.29 -23.85 44.24
N VAL C 7 -2.98 -23.59 44.24
CA VAL C 7 -2.51 -22.22 44.37
C VAL C 7 -2.81 -21.41 43.11
N THR C 8 -2.56 -22.01 41.95
CA THR C 8 -2.69 -21.27 40.69
C THR C 8 -4.12 -20.81 40.46
N ILE C 9 -5.10 -21.69 40.70
CA ILE C 9 -6.49 -21.35 40.43
C ILE C 9 -6.92 -20.15 41.27
N VAL C 10 -6.53 -20.13 42.55
CA VAL C 10 -6.93 -19.03 43.42
C VAL C 10 -6.37 -17.71 42.92
N ALA C 11 -5.09 -17.71 42.51
CA ALA C 11 -4.46 -16.48 42.05
C ALA C 11 -5.20 -15.92 40.83
N LEU C 12 -5.48 -16.78 39.86
CA LEU C 12 -6.20 -16.32 38.67
C LEU C 12 -7.61 -15.85 39.02
N SER C 13 -8.30 -16.62 39.86
CA SER C 13 -9.68 -16.25 40.22
C SER C 13 -9.72 -14.92 40.94
N VAL C 14 -8.79 -14.69 41.87
CA VAL C 14 -8.76 -13.43 42.59
C VAL C 14 -8.30 -12.29 41.68
N ALA C 15 -7.24 -12.53 40.91
CA ALA C 15 -6.67 -11.47 40.09
C ALA C 15 -7.67 -10.98 39.05
N LEU C 16 -8.31 -11.90 38.35
CA LEU C 16 -9.27 -11.50 37.32
C LEU C 16 -10.43 -10.74 37.92
N GLY C 17 -10.98 -11.23 39.03
CA GLY C 17 -12.03 -10.49 39.70
C GLY C 17 -11.54 -9.16 40.24
N LEU C 18 -10.29 -9.11 40.70
CA LEU C 18 -9.70 -7.87 41.16
C LEU C 18 -9.55 -6.88 40.01
N PHE C 19 -9.09 -7.35 38.85
CA PHE C 19 -8.90 -6.45 37.72
C PHE C 19 -10.22 -6.07 37.06
N PHE C 20 -11.13 -7.04 36.89
CA PHE C 20 -12.37 -6.76 36.18
C PHE C 20 -13.29 -5.85 37.00
N VAL C 21 -13.31 -6.04 38.32
CA VAL C 21 -14.08 -5.12 39.15
C VAL C 21 -13.48 -3.72 39.08
N PHE C 22 -12.14 -3.65 38.99
CA PHE C 22 -11.48 -2.35 38.83
C PHE C 22 -11.93 -1.67 37.54
N MET C 23 -12.01 -2.43 36.45
CA MET C 23 -12.51 -1.86 35.19
C MET C 23 -13.97 -1.44 35.33
N GLY C 24 -14.79 -2.27 35.97
CA GLY C 24 -16.19 -1.93 36.13
C GLY C 24 -16.41 -0.65 36.91
N THR C 25 -15.54 -0.39 37.90
CA THR C 25 -15.64 0.86 38.65
C THR C 25 -15.37 2.05 37.75
N ILE C 26 -14.42 1.93 36.84
CA ILE C 26 -14.05 3.06 35.97
C ILE C 26 -15.25 3.49 35.15
N LYS C 27 -15.96 2.52 34.57
CA LYS C 27 -17.12 2.84 33.74
C LYS C 27 -18.26 3.44 34.53
N LEU C 28 -18.23 3.37 35.86
CA LEU C 28 -19.32 3.84 36.70
C LEU C 28 -18.93 5.05 37.55
N THR C 29 -17.88 4.93 38.36
CA THR C 29 -17.47 5.98 39.28
C THR C 29 -16.09 6.50 38.88
N PRO C 30 -15.95 7.75 38.45
CA PRO C 30 -14.65 8.27 38.03
C PRO C 30 -13.71 8.62 39.18
N ARG C 31 -14.06 8.27 40.42
CA ARG C 31 -13.23 8.68 41.56
C ARG C 31 -11.84 8.05 41.47
N LEU C 32 -11.74 6.79 41.08
CA LEU C 32 -10.44 6.15 40.97
C LEU C 32 -9.57 6.83 39.93
N SER C 33 -10.15 7.15 38.77
CA SER C 33 -9.40 7.82 37.71
C SER C 33 -10.41 8.58 36.84
N LYS C 34 -10.47 9.90 37.03
CA LYS C 34 -11.41 10.70 36.26
C LYS C 34 -11.09 10.67 34.77
N ASP C 35 -9.81 10.71 34.43
CA ASP C 35 -9.41 10.69 33.03
C ASP C 35 -9.87 9.40 32.34
N ALA C 36 -9.74 8.27 33.05
CA ALA C 36 -10.14 6.99 32.45
C ALA C 36 -11.62 6.98 32.12
N TYR C 37 -12.47 7.50 33.02
CA TYR C 37 -13.90 7.56 32.75
C TYR C 37 -14.18 8.49 31.58
N SER C 38 -13.47 9.61 31.50
CA SER C 38 -13.70 10.57 30.41
C SER C 38 -13.42 9.92 29.06
N GLU C 39 -12.31 9.21 28.93
CA GLU C 39 -12.01 8.53 27.68
C GLU C 39 -12.90 7.30 27.49
N MET C 40 -13.25 6.62 28.59
CA MET C 40 -14.06 5.42 28.47
C MET C 40 -15.44 5.74 27.90
N LYS C 41 -16.06 6.84 28.36
CA LYS C 41 -17.37 7.19 27.84
C LYS C 41 -17.31 7.52 26.36
N ARG C 42 -16.19 8.08 25.89
CA ARG C 42 -16.03 8.33 24.47
C ARG C 42 -16.09 7.03 23.68
N ALA C 43 -15.42 5.99 24.18
CA ALA C 43 -15.41 4.71 23.48
C ALA C 43 -16.80 4.14 23.34
N TYR C 44 -17.58 4.17 24.42
CA TYR C 44 -18.94 3.62 24.38
C TYR C 44 -19.90 4.51 23.59
N LYS C 45 -19.58 5.80 23.45
CA LYS C 45 -20.35 6.63 22.55
C LYS C 45 -20.21 6.17 21.11
N SER C 46 -18.98 5.83 20.71
CA SER C 46 -18.74 5.37 19.34
C SER C 46 -19.42 4.03 19.08
N TYR C 47 -19.36 3.12 20.05
CA TYR C 47 -19.85 1.76 19.83
C TYR C 47 -21.34 1.76 19.49
N VAL C 48 -22.15 2.44 20.30
CA VAL C 48 -23.57 2.55 20.01
C VAL C 48 -23.78 3.31 18.71
N ARG C 49 -23.03 4.39 18.51
CA ARG C 49 -23.13 5.15 17.27
C ARG C 49 -22.76 4.28 16.07
N ALA C 50 -21.93 3.27 16.28
CA ALA C 50 -21.58 2.30 15.25
C ALA C 50 -22.46 1.06 15.29
N LEU C 51 -23.50 1.05 16.11
CA LEU C 51 -24.48 -0.04 16.15
C LEU C 51 -25.87 0.56 16.19
N PRO C 52 -26.31 1.14 15.07
CA PRO C 52 -27.62 1.82 15.07
C PRO C 52 -28.75 1.02 15.69
N LEU C 53 -28.95 -0.24 15.27
CA LEU C 53 -30.05 -1.03 15.80
C LEU C 53 -29.99 -1.11 17.32
N LEU C 54 -28.79 -1.13 17.89
CA LEU C 54 -28.67 -1.09 19.34
C LEU C 54 -29.34 0.16 19.90
N LYS C 55 -29.20 1.29 19.20
CA LYS C 55 -29.82 2.53 19.61
C LYS C 55 -31.25 2.68 19.10
N LYS C 56 -31.69 1.82 18.19
CA LYS C 56 -33.06 1.87 17.68
C LYS C 56 -34.06 1.23 18.63
N MET C 57 -33.60 0.51 19.65
CA MET C 57 -34.47 -0.13 20.63
C MET C 57 -34.51 0.64 21.95
N GLY C 58 -34.07 1.90 21.94
CA GLY C 58 -34.07 2.70 23.14
C GLY C 58 -32.87 2.53 24.03
N ILE C 59 -31.87 1.75 23.62
CA ILE C 59 -30.69 1.50 24.42
C ILE C 59 -29.65 2.57 24.09
N ASN C 60 -29.21 3.29 25.12
CA ASN C 60 -28.22 4.35 24.95
C ASN C 60 -26.88 3.88 25.50
N SER C 61 -25.85 4.72 25.32
CA SER C 61 -24.53 4.40 25.81
C SER C 61 -24.51 4.34 27.34
N ILE C 62 -25.26 5.23 27.99
CA ILE C 62 -25.29 5.24 29.45
C ILE C 62 -25.82 3.91 29.98
N LEU C 63 -26.91 3.41 29.39
CA LEU C 63 -27.43 2.11 29.80
C LEU C 63 -26.43 1.00 29.48
N LEU C 64 -25.80 1.08 28.30
CA LEU C 64 -24.80 0.09 27.94
C LEU C 64 -23.61 0.12 28.89
N ARG C 65 -23.11 1.33 29.18
CA ARG C 65 -21.95 1.45 30.05
C ARG C 65 -22.25 0.91 31.45
N LYS C 66 -23.44 1.21 31.97
CA LYS C 66 -23.80 0.74 33.31
C LYS C 66 -23.92 -0.78 33.36
N SER C 67 -24.55 -1.38 32.35
CA SER C 67 -24.79 -2.82 32.39
C SER C 67 -23.48 -3.60 32.41
N ILE C 68 -22.57 -3.27 31.49
CA ILE C 68 -21.30 -3.99 31.42
C ILE C 68 -20.53 -3.83 32.72
N GLY C 69 -20.46 -2.60 33.24
CA GLY C 69 -19.77 -2.38 34.50
C GLY C 69 -20.43 -3.11 35.65
N ALA C 70 -21.76 -3.17 35.64
CA ALA C 70 -22.48 -3.86 36.71
C ALA C 70 -22.16 -5.35 36.73
N LEU C 71 -22.12 -5.98 35.56
CA LEU C 71 -21.88 -7.42 35.51
C LEU C 71 -20.43 -7.75 35.83
N GLU C 72 -19.48 -6.94 35.36
CA GLU C 72 -18.08 -7.23 35.63
C GLU C 72 -17.80 -7.17 37.13
N VAL C 73 -18.32 -6.15 37.82
CA VAL C 73 -18.08 -6.05 39.26
C VAL C 73 -18.83 -7.17 39.99
N ALA C 74 -20.08 -7.44 39.59
CA ALA C 74 -20.82 -8.51 40.24
C ALA C 74 -20.14 -9.86 40.04
N CYS C 75 -19.67 -10.12 38.82
CA CYS C 75 -18.96 -11.36 38.55
C CYS C 75 -17.53 -11.32 39.09
N GLY C 76 -16.91 -10.14 39.13
CA GLY C 76 -15.55 -10.04 39.62
C GLY C 76 -15.44 -10.37 41.09
N ILE C 77 -16.37 -9.85 41.90
CA ILE C 77 -16.34 -10.14 43.33
C ILE C 77 -16.69 -11.61 43.58
N VAL C 78 -17.62 -12.15 42.79
CA VAL C 78 -18.01 -13.55 42.96
C VAL C 78 -16.81 -14.46 42.73
N MET C 79 -16.01 -14.18 41.71
CA MET C 79 -14.83 -14.99 41.42
C MET C 79 -13.73 -14.79 42.45
N THR C 80 -13.86 -13.83 43.36
CA THR C 80 -12.87 -13.58 44.41
C THR C 80 -13.25 -14.20 45.75
N LEU C 81 -14.54 -14.18 46.11
CA LEU C 81 -14.97 -14.58 47.44
C LEU C 81 -15.85 -15.83 47.41
N VAL C 82 -16.94 -15.82 46.66
CA VAL C 82 -17.92 -16.91 46.70
C VAL C 82 -17.34 -18.15 46.04
N PRO C 83 -17.24 -19.27 46.75
CA PRO C 83 -16.79 -20.52 46.12
C PRO C 83 -17.95 -21.35 45.58
N GLY C 84 -17.59 -22.34 44.78
CA GLY C 84 -18.54 -23.31 44.28
C GLY C 84 -18.97 -23.04 42.85
N ARG C 85 -20.10 -23.68 42.50
CA ARG C 85 -20.61 -23.55 41.14
C ARG C 85 -20.86 -22.10 40.72
N PRO C 86 -21.44 -21.25 41.56
CA PRO C 86 -21.63 -19.85 41.14
C PRO C 86 -20.33 -19.17 40.75
N LYS C 87 -19.21 -19.55 41.37
CA LYS C 87 -17.92 -18.98 41.00
C LYS C 87 -17.60 -19.27 39.53
N ASP C 88 -17.86 -20.50 39.08
CA ASP C 88 -17.62 -20.84 37.68
C ASP C 88 -18.64 -20.17 36.77
N VAL C 89 -19.88 -20.04 37.23
CA VAL C 89 -20.90 -19.37 36.42
C VAL C 89 -20.49 -17.93 36.13
N ALA C 90 -19.93 -17.25 37.13
CA ALA C 90 -19.43 -15.90 36.91
C ALA C 90 -18.35 -15.89 35.83
N ASN C 91 -17.48 -16.91 35.84
CA ASN C 91 -16.42 -16.97 34.85
C ASN C 91 -17.00 -17.05 33.44
N PHE C 92 -18.04 -17.87 33.25
CA PHE C 92 -18.63 -18.01 31.92
C PHE C 92 -19.23 -16.68 31.46
N PHE C 93 -19.91 -15.97 32.36
CA PHE C 93 -20.51 -14.70 31.96
C PHE C 93 -19.45 -13.69 31.54
N LEU C 94 -18.33 -13.63 32.27
CA LEU C 94 -17.24 -12.77 31.84
C LEU C 94 -16.75 -13.17 30.46
N LEU C 95 -16.62 -14.48 30.22
CA LEU C 95 -16.23 -14.94 28.89
C LEU C 95 -17.23 -14.50 27.84
N LEU C 96 -18.49 -14.29 28.23
CA LEU C 96 -19.51 -13.82 27.31
C LEU C 96 -19.51 -12.31 27.14
N LEU C 97 -18.76 -11.59 27.97
CA LEU C 97 -18.63 -10.14 27.84
C LEU C 97 -17.35 -9.72 27.15
N VAL C 98 -16.26 -10.48 27.32
CA VAL C 98 -15.00 -10.11 26.70
C VAL C 98 -15.14 -10.07 25.19
N LEU C 99 -15.79 -11.08 24.61
CA LEU C 99 -16.00 -11.07 23.16
C LEU C 99 -16.83 -9.87 22.75
N ALA C 100 -17.85 -9.52 23.55
CA ALA C 100 -18.62 -8.32 23.27
C ALA C 100 -17.73 -7.08 23.33
N VAL C 101 -16.86 -7.02 24.34
CA VAL C 101 -15.87 -5.94 24.39
C VAL C 101 -14.94 -6.03 23.18
N LEU C 102 -14.45 -7.23 22.88
CA LEU C 102 -13.60 -7.41 21.72
C LEU C 102 -14.36 -7.28 20.41
N PHE C 103 -15.68 -7.47 20.44
CA PHE C 103 -16.51 -7.19 19.27
C PHE C 103 -16.75 -5.70 19.06
N PHE C 104 -16.61 -4.89 20.11
CA PHE C 104 -16.73 -3.45 20.00
C PHE C 104 -15.42 -2.79 19.61
N HIS C 105 -14.31 -3.19 20.24
CA HIS C 105 -13.02 -2.61 19.89
C HIS C 105 -12.65 -2.93 18.45
N GLN C 106 -12.91 -4.16 18.00
CA GLN C 106 -12.66 -4.51 16.61
C GLN C 106 -13.67 -3.90 15.66
N LEU C 107 -14.82 -3.47 16.17
CA LEU C 107 -15.83 -2.79 15.36
C LEU C 107 -15.54 -1.31 15.19
N VAL C 108 -14.48 -0.81 15.83
CA VAL C 108 -14.05 0.57 15.66
C VAL C 108 -12.60 0.67 15.20
N GLY C 109 -11.90 -0.44 15.08
CA GLY C 109 -10.53 -0.44 14.58
C GLY C 109 -9.53 0.20 15.52
N ASP C 110 -9.67 -0.02 16.82
CA ASP C 110 -8.72 0.50 17.77
C ASP C 110 -7.43 -0.32 17.72
N PRO C 111 -6.29 0.28 18.07
CA PRO C 111 -5.02 -0.46 18.03
C PRO C 111 -4.98 -1.55 19.08
N LEU C 112 -3.91 -2.35 19.00
CA LEU C 112 -3.76 -3.47 19.92
C LEU C 112 -3.64 -2.99 21.36
N LYS C 113 -2.89 -1.90 21.58
CA LYS C 113 -2.63 -1.44 22.94
C LYS C 113 -3.92 -1.20 23.70
N ARG C 114 -4.95 -0.70 23.03
CA ARG C 114 -6.20 -0.38 23.71
C ARG C 114 -6.87 -1.65 24.24
N TYR C 115 -7.00 -2.67 23.40
CA TYR C 115 -7.72 -3.89 23.75
C TYR C 115 -6.79 -5.04 24.10
N ALA C 116 -5.49 -4.78 24.29
CA ALA C 116 -4.58 -5.85 24.65
C ALA C 116 -4.92 -6.43 26.01
N HIS C 117 -5.28 -5.57 26.97
CA HIS C 117 -5.55 -6.05 28.32
C HIS C 117 -6.72 -7.03 28.35
N ALA C 118 -7.79 -6.73 27.59
CA ALA C 118 -8.94 -7.62 27.57
C ALA C 118 -8.56 -8.98 26.97
N LEU C 119 -7.79 -8.97 25.89
CA LEU C 119 -7.41 -10.23 25.25
C LEU C 119 -6.58 -11.09 26.18
N VAL C 120 -5.61 -10.49 26.87
CA VAL C 120 -4.74 -11.26 27.76
C VAL C 120 -5.56 -11.93 28.85
N PHE C 121 -6.46 -11.19 29.48
CA PHE C 121 -7.31 -11.78 30.50
C PHE C 121 -8.33 -12.74 29.92
N GLY C 122 -8.67 -12.61 28.64
CA GLY C 122 -9.52 -13.60 28.01
C GLY C 122 -8.88 -14.97 27.98
N ILE C 123 -7.58 -15.04 27.70
CA ILE C 123 -6.87 -16.30 27.73
C ILE C 123 -6.82 -16.85 29.16
N LEU C 124 -6.50 -15.98 30.12
CA LEU C 124 -6.47 -16.43 31.52
C LEU C 124 -7.86 -16.78 32.01
N LEU C 125 -8.87 -16.02 31.60
CA LEU C 125 -10.22 -16.26 32.08
C LEU C 125 -10.70 -17.66 31.68
N THR C 126 -10.47 -18.04 30.43
CA THR C 126 -10.84 -19.39 30.00
C THR C 126 -9.92 -20.44 30.63
N CYS C 127 -8.63 -20.13 30.72
CA CYS C 127 -7.69 -21.08 31.31
C CYS C 127 -8.11 -21.44 32.74
N ARG C 128 -8.63 -20.47 33.47
CA ARG C 128 -9.12 -20.74 34.82
C ARG C 128 -10.28 -21.73 34.78
N LEU C 129 -11.17 -21.58 33.80
CA LEU C 129 -12.33 -22.46 33.71
C LEU C 129 -11.90 -23.89 33.42
N LEU C 130 -10.89 -24.08 32.57
CA LEU C 130 -10.40 -25.42 32.26
C LEU C 130 -9.90 -26.13 33.51
N ILE C 131 -9.48 -25.39 34.53
CA ILE C 131 -8.96 -25.97 35.76
C ILE C 131 -10.01 -25.78 36.86
N ALA C 132 -11.28 -25.69 36.46
CA ALA C 132 -12.33 -25.48 37.45
C ALA C 132 -12.40 -26.64 38.44
N ARG C 133 -12.30 -27.87 37.95
CA ARG C 133 -12.37 -29.04 38.81
C ARG C 133 -11.61 -30.18 38.17
N LYS C 134 -11.25 -31.17 38.99
CA LYS C 134 -10.51 -32.33 38.53
C LYS C 134 -11.43 -33.30 37.79
N ASP D 65 18.70 60.22 -3.56
CA ASP D 65 20.16 60.35 -3.34
C ASP D 65 20.81 58.97 -3.21
N ASN D 66 20.23 58.13 -2.35
CA ASN D 66 20.77 56.79 -2.15
C ASN D 66 20.70 55.97 -3.44
N THR D 67 19.60 56.09 -4.18
CA THR D 67 19.47 55.33 -5.42
C THR D 67 20.54 55.73 -6.43
N THR D 68 20.82 57.03 -6.54
CA THR D 68 21.81 57.49 -7.50
C THR D 68 23.17 56.87 -7.22
N VAL D 69 23.59 56.82 -5.96
CA VAL D 69 24.88 56.26 -5.60
C VAL D 69 24.95 54.79 -6.02
N PHE D 70 23.90 54.04 -5.70
CA PHE D 70 23.89 52.60 -6.03
C PHE D 70 23.75 52.36 -7.52
N THR D 71 23.03 53.24 -8.24
CA THR D 71 22.93 53.11 -9.68
C THR D 71 24.30 53.23 -10.34
N ARG D 72 25.11 54.19 -9.88
CA ARG D 72 26.46 54.34 -10.41
C ARG D 72 27.31 53.11 -10.13
N ILE D 73 27.18 52.54 -8.93
CA ILE D 73 27.97 51.35 -8.59
C ILE D 73 27.63 50.22 -9.56
N LEU D 74 26.35 49.98 -9.80
CA LEU D 74 25.96 48.91 -10.71
C LEU D 74 26.48 49.17 -12.11
N ASP D 75 26.38 50.42 -12.57
CA ASP D 75 26.91 50.75 -13.89
C ASP D 75 28.41 50.51 -13.97
N ARG D 76 29.15 50.86 -12.91
CA ARG D 76 30.59 50.65 -12.91
C ARG D 76 30.94 49.17 -13.00
N LEU D 77 30.19 48.32 -12.28
CA LEU D 77 30.48 46.90 -12.31
C LEU D 77 30.27 46.32 -13.70
N LEU D 78 29.18 46.71 -14.37
CA LEU D 78 28.86 46.17 -15.68
C LEU D 78 29.60 46.88 -16.81
N ASP D 79 30.34 47.94 -16.52
CA ASP D 79 31.08 48.65 -17.57
C ASP D 79 32.28 47.82 -18.02
N GLY D 80 32.26 47.37 -19.26
CA GLY D 80 33.32 46.54 -19.80
C GLY D 80 33.36 45.13 -19.28
N TYR D 81 32.25 44.65 -18.72
CA TYR D 81 32.19 43.28 -18.20
C TYR D 81 31.76 42.32 -19.29
N ASP D 82 32.54 41.25 -19.48
CA ASP D 82 32.25 40.23 -20.49
C ASP D 82 31.77 38.99 -19.75
N ASN D 83 30.44 38.79 -19.71
CA ASN D 83 29.89 37.62 -19.03
C ASN D 83 30.13 36.33 -19.81
N ARG D 84 30.63 36.39 -21.04
CA ARG D 84 30.94 35.18 -21.77
C ARG D 84 32.20 34.48 -21.30
N LEU D 85 33.04 35.12 -20.48
CA LEU D 85 34.30 34.55 -20.05
C LEU D 85 34.26 34.28 -18.55
N ARG D 86 34.61 33.06 -18.16
CA ARG D 86 34.66 32.72 -16.75
C ARG D 86 35.82 33.47 -16.07
N PRO D 87 35.70 33.77 -14.78
CA PRO D 87 36.83 34.39 -14.08
C PRO D 87 38.04 33.47 -14.07
N GLY D 88 39.22 34.05 -14.30
CA GLY D 88 40.42 33.22 -14.34
C GLY D 88 40.57 32.34 -15.54
N LEU D 89 39.85 32.62 -16.63
CA LEU D 89 39.97 31.77 -17.81
C LEU D 89 41.39 31.74 -18.37
N GLY D 90 42.22 32.73 -18.02
CA GLY D 90 43.58 32.78 -18.52
C GLY D 90 44.64 32.86 -17.44
N GLU D 91 44.22 32.90 -16.16
CA GLU D 91 45.17 33.01 -15.07
C GLU D 91 45.14 31.82 -14.12
N ARG D 92 43.97 31.43 -13.61
CA ARG D 92 43.88 30.36 -12.63
C ARG D 92 42.60 29.57 -12.85
N VAL D 93 42.39 28.58 -11.98
CA VAL D 93 41.19 27.75 -12.01
C VAL D 93 40.18 28.34 -11.04
N THR D 94 38.96 28.53 -11.52
CA THR D 94 37.88 29.05 -10.68
C THR D 94 37.42 27.97 -9.71
N GLU D 95 37.58 28.23 -8.41
CA GLU D 95 37.19 27.31 -7.35
C GLU D 95 35.83 27.74 -6.83
N VAL D 96 34.87 26.81 -6.87
CA VAL D 96 33.50 27.06 -6.41
C VAL D 96 33.27 26.22 -5.16
N LYS D 97 32.89 26.88 -4.07
CA LYS D 97 32.54 26.22 -2.83
C LYS D 97 31.03 26.05 -2.74
N THR D 98 30.60 24.82 -2.44
CA THR D 98 29.19 24.45 -2.49
C THR D 98 28.78 23.77 -1.20
N ASP D 99 27.54 24.02 -0.79
CA ASP D 99 26.92 23.27 0.31
C ASP D 99 25.43 23.16 0.04
N ILE D 100 24.82 22.12 0.62
CA ILE D 100 23.42 21.79 0.39
C ILE D 100 22.72 21.69 1.72
N PHE D 101 21.56 22.33 1.84
CA PHE D 101 20.67 22.17 2.98
C PHE D 101 19.38 21.51 2.49
N VAL D 102 19.14 20.28 2.94
CA VAL D 102 17.97 19.51 2.51
C VAL D 102 16.80 19.93 3.38
N THR D 103 15.90 20.76 2.83
CA THR D 103 14.72 21.17 3.57
C THR D 103 13.73 20.03 3.77
N SER D 104 13.68 19.09 2.82
CA SER D 104 12.82 17.93 2.96
C SER D 104 13.27 16.85 1.98
N PHE D 105 13.29 15.61 2.46
CA PHE D 105 13.65 14.46 1.64
C PHE D 105 12.35 13.81 1.18
N GLY D 106 11.94 14.11 -0.05
CA GLY D 106 10.64 13.74 -0.55
C GLY D 106 10.43 12.23 -0.55
N PRO D 107 9.25 11.80 -0.99
CA PRO D 107 8.95 10.36 -0.99
C PRO D 107 9.78 9.62 -2.02
N VAL D 108 9.94 8.32 -1.78
CA VAL D 108 10.62 7.41 -2.68
C VAL D 108 9.58 6.65 -3.49
N SER D 109 9.78 6.57 -4.80
CA SER D 109 8.87 5.85 -5.69
C SER D 109 9.57 4.56 -6.11
N ASP D 110 9.16 3.44 -5.50
CA ASP D 110 9.74 2.15 -5.85
C ASP D 110 9.45 1.77 -7.30
N HIS D 111 8.24 2.03 -7.77
CA HIS D 111 7.88 1.63 -9.13
C HIS D 111 8.77 2.30 -10.15
N ASP D 112 9.04 3.60 -9.98
CA ASP D 112 9.88 4.35 -10.89
C ASP D 112 11.34 4.34 -10.46
N MET D 113 11.67 3.75 -9.31
CA MET D 113 13.03 3.72 -8.79
C MET D 113 13.63 5.12 -8.77
N GLU D 114 12.87 6.08 -8.23
CA GLU D 114 13.30 7.46 -8.14
C GLU D 114 12.89 8.03 -6.80
N TYR D 115 13.41 9.21 -6.49
CA TYR D 115 13.04 9.93 -5.28
C TYR D 115 13.08 11.42 -5.52
N THR D 116 12.30 12.15 -4.72
CA THR D 116 12.22 13.60 -4.77
C THR D 116 12.89 14.22 -3.54
N ILE D 117 13.48 15.40 -3.73
CA ILE D 117 14.14 16.12 -2.65
C ILE D 117 14.03 17.62 -2.91
N ASP D 118 13.67 18.36 -1.86
CA ASP D 118 13.63 19.81 -1.90
C ASP D 118 14.80 20.36 -1.09
N VAL D 119 15.58 21.26 -1.69
CA VAL D 119 16.82 21.73 -1.09
C VAL D 119 16.96 23.23 -1.28
N PHE D 120 17.75 23.85 -0.40
CA PHE D 120 18.32 25.17 -0.65
C PHE D 120 19.76 24.96 -1.12
N PHE D 121 19.97 25.09 -2.42
CA PHE D 121 21.28 24.87 -3.03
C PHE D 121 22.08 26.17 -3.01
N ARG D 122 23.17 26.19 -2.24
CA ARG D 122 23.97 27.39 -2.05
C ARG D 122 25.30 27.20 -2.76
N GLN D 123 25.73 28.22 -3.50
CA GLN D 123 27.01 28.23 -4.20
C GLN D 123 27.72 29.54 -3.96
N SER D 124 29.04 29.46 -3.73
CA SER D 124 29.84 30.64 -3.47
C SER D 124 31.14 30.57 -4.26
N TRP D 125 31.54 31.72 -4.82
CA TRP D 125 32.77 31.82 -5.59
C TRP D 125 33.19 33.29 -5.63
N LYS D 126 34.44 33.50 -6.03
CA LYS D 126 35.04 34.83 -6.09
C LYS D 126 35.19 35.26 -7.55
N ASP D 127 34.70 36.44 -7.87
CA ASP D 127 34.82 37.02 -9.21
C ASP D 127 35.42 38.42 -9.06
N GLU D 128 36.72 38.54 -9.32
CA GLU D 128 37.42 39.81 -9.10
C GLU D 128 36.88 40.93 -9.97
N ARG D 129 36.20 40.60 -11.07
CA ARG D 129 35.61 41.63 -11.92
C ARG D 129 34.50 42.41 -11.21
N LEU D 130 34.00 41.89 -10.09
CA LEU D 130 32.87 42.48 -9.38
C LEU D 130 33.29 43.17 -8.08
N LYS D 131 34.56 43.52 -7.95
CA LYS D 131 35.02 44.28 -6.80
C LYS D 131 34.41 45.68 -6.82
N PHE D 132 34.16 46.21 -5.63
CA PHE D 132 33.58 47.54 -5.49
C PHE D 132 33.94 48.10 -4.11
N LYS D 133 33.75 49.40 -3.96
CA LYS D 133 33.91 50.07 -2.68
C LYS D 133 32.78 51.07 -2.51
N GLY D 134 32.15 51.06 -1.34
CA GLY D 134 31.03 51.93 -1.07
C GLY D 134 30.60 51.92 0.38
N PRO D 135 29.46 52.54 0.67
CA PRO D 135 28.99 52.58 2.07
C PRO D 135 28.78 51.21 2.68
N MET D 136 28.39 50.22 1.88
CA MET D 136 28.11 48.87 2.37
C MET D 136 29.18 47.91 1.85
N THR D 137 29.63 47.02 2.72
CA THR D 137 30.62 46.03 2.32
C THR D 137 30.00 44.84 1.60
N VAL D 138 28.69 44.66 1.68
CA VAL D 138 27.99 43.57 1.01
C VAL D 138 26.75 44.13 0.35
N LEU D 139 26.49 43.70 -0.88
CA LEU D 139 25.33 44.12 -1.65
C LEU D 139 24.35 42.97 -1.74
N ARG D 140 23.27 43.04 -0.97
CA ARG D 140 22.20 42.04 -1.03
C ARG D 140 21.22 42.50 -2.10
N LEU D 141 21.42 42.01 -3.33
CA LEU D 141 20.71 42.51 -4.48
C LEU D 141 19.58 41.57 -4.88
N ASN D 142 18.67 42.09 -5.72
CA ASN D 142 17.61 41.26 -6.26
C ASN D 142 18.18 40.18 -7.17
N ASN D 143 17.47 39.04 -7.21
CA ASN D 143 17.94 37.91 -7.99
C ASN D 143 18.01 38.22 -9.48
N LEU D 144 17.33 39.27 -9.94
CA LEU D 144 17.44 39.67 -11.34
C LEU D 144 18.88 39.94 -11.75
N MET D 145 19.72 40.40 -10.82
CA MET D 145 21.11 40.68 -11.16
C MET D 145 21.85 39.42 -11.59
N ALA D 146 21.40 38.26 -11.11
CA ALA D 146 22.11 37.02 -11.42
C ALA D 146 22.09 36.75 -12.91
N SER D 147 20.96 37.00 -13.57
CA SER D 147 20.87 36.75 -15.01
C SER D 147 21.76 37.68 -15.80
N LYS D 148 22.13 38.84 -15.23
CA LYS D 148 22.93 39.83 -15.94
C LYS D 148 24.42 39.57 -15.84
N ILE D 149 24.86 38.63 -15.00
CA ILE D 149 26.26 38.32 -14.84
C ILE D 149 26.46 36.84 -15.18
N TRP D 150 27.73 36.43 -15.24
CA TRP D 150 28.06 35.03 -15.46
C TRP D 150 27.95 34.24 -14.16
N THR D 151 27.27 33.10 -14.23
CA THR D 151 27.17 32.19 -13.10
C THR D 151 27.46 30.77 -13.57
N PRO D 152 27.93 29.90 -12.68
CA PRO D 152 28.19 28.51 -13.09
C PRO D 152 26.90 27.87 -13.58
N ASP D 153 27.01 27.01 -14.59
CA ASP D 153 25.84 26.29 -15.08
C ASP D 153 25.67 24.94 -14.38
N THR D 154 25.68 24.95 -13.05
CA THR D 154 25.60 23.70 -12.31
C THR D 154 24.21 23.09 -12.47
N PHE D 155 24.15 21.77 -12.67
CA PHE D 155 22.88 21.07 -12.74
C PHE D 155 23.00 19.72 -12.07
N PHE D 156 21.85 19.15 -11.71
CA PHE D 156 21.78 17.86 -11.04
C PHE D 156 21.48 16.80 -12.09
N HIS D 157 22.38 15.82 -12.21
CA HIS D 157 22.28 14.81 -13.26
C HIS D 157 22.30 13.43 -12.63
N ASN D 158 21.46 12.54 -13.15
CA ASN D 158 21.36 11.17 -12.66
C ASN D 158 22.17 10.27 -13.58
N GLY D 159 23.20 9.65 -13.05
CA GLY D 159 23.99 8.70 -13.80
C GLY D 159 25.34 9.28 -14.20
N LYS D 160 25.48 9.61 -15.48
CA LYS D 160 26.74 10.15 -16.01
C LYS D 160 26.58 11.60 -16.45
N LYS D 161 25.63 11.90 -17.34
CA LYS D 161 25.46 13.24 -17.86
C LYS D 161 24.00 13.64 -18.08
N SER D 162 23.05 12.75 -17.82
CA SER D 162 21.64 13.07 -18.01
C SER D 162 21.15 13.96 -16.88
N VAL D 163 20.78 15.20 -17.21
CA VAL D 163 20.30 16.12 -16.20
C VAL D 163 18.97 15.64 -15.66
N ALA D 164 18.86 15.55 -14.34
CA ALA D 164 17.63 15.11 -13.71
C ALA D 164 16.60 16.23 -13.71
N HIS D 165 15.35 15.87 -13.44
CA HIS D 165 14.28 16.85 -13.39
C HIS D 165 14.59 17.92 -12.35
N ASN D 166 14.45 19.18 -12.76
CA ASN D 166 14.74 20.32 -11.89
C ASN D 166 13.58 21.31 -11.98
N MET D 167 13.13 21.79 -10.82
CA MET D 167 12.09 22.81 -10.73
C MET D 167 12.62 23.91 -9.82
N THR D 168 13.07 25.01 -10.41
CA THR D 168 13.67 26.11 -9.69
C THR D 168 12.69 27.28 -9.60
N MET D 169 12.52 27.80 -8.40
CA MET D 169 11.66 28.96 -8.21
C MET D 169 12.33 30.21 -8.76
N PRO D 170 11.55 31.25 -9.10
CA PRO D 170 12.17 32.47 -9.62
C PRO D 170 13.19 33.09 -8.68
N ASN D 171 12.98 33.00 -7.37
CA ASN D 171 13.88 33.63 -6.42
C ASN D 171 15.21 32.88 -6.39
N LYS D 172 16.30 33.64 -6.60
CA LYS D 172 17.66 33.10 -6.53
C LYS D 172 18.53 34.20 -5.92
N LEU D 173 18.68 34.17 -4.60
CA LEU D 173 19.33 35.28 -3.91
C LEU D 173 20.78 35.40 -4.35
N LEU D 174 21.22 36.65 -4.54
CA LEU D 174 22.59 36.96 -4.87
C LEU D 174 23.13 38.00 -3.90
N ARG D 175 24.27 37.70 -3.28
CA ARG D 175 24.92 38.60 -2.35
C ARG D 175 26.38 38.75 -2.74
N ILE D 176 26.82 39.99 -2.93
CA ILE D 176 28.19 40.29 -3.34
C ILE D 176 28.88 40.99 -2.19
N THR D 177 29.98 40.41 -1.71
CA THR D 177 30.79 41.02 -0.66
C THR D 177 31.83 41.95 -1.28
N GLU D 178 32.23 42.95 -0.49
CA GLU D 178 33.18 43.94 -0.99
C GLU D 178 34.46 43.29 -1.51
N ASP D 179 34.85 42.16 -0.94
CA ASP D 179 36.04 41.44 -1.39
C ASP D 179 35.87 40.85 -2.78
N GLY D 180 34.64 40.81 -3.30
CA GLY D 180 34.36 40.19 -4.58
C GLY D 180 33.79 38.78 -4.48
N THR D 181 33.54 38.29 -3.27
CA THR D 181 32.94 36.97 -3.10
C THR D 181 31.45 37.03 -3.36
N LEU D 182 30.94 36.04 -4.07
CA LEU D 182 29.53 35.95 -4.43
C LEU D 182 28.89 34.77 -3.71
N LEU D 183 27.69 35.00 -3.17
CA LEU D 183 26.84 33.94 -2.64
C LEU D 183 25.58 33.84 -3.50
N TYR D 184 25.33 32.66 -4.04
CA TYR D 184 24.24 32.44 -4.98
C TYR D 184 23.51 31.17 -4.58
N THR D 185 22.30 31.31 -4.07
CA THR D 185 21.49 30.19 -3.63
C THR D 185 20.14 30.19 -4.33
N MET D 186 19.60 28.99 -4.54
CA MET D 186 18.33 28.79 -5.23
C MET D 186 17.58 27.66 -4.57
N ARG D 187 16.25 27.69 -4.70
CA ARG D 187 15.37 26.66 -4.17
C ARG D 187 15.01 25.69 -5.28
N LEU D 188 15.33 24.42 -5.09
CA LEU D 188 15.17 23.41 -6.13
C LEU D 188 14.41 22.22 -5.60
N THR D 189 13.58 21.62 -6.45
CA THR D 189 12.98 20.31 -6.21
C THR D 189 13.54 19.35 -7.25
N VAL D 190 14.35 18.39 -6.80
CA VAL D 190 15.06 17.49 -7.71
C VAL D 190 14.46 16.10 -7.55
N ARG D 191 13.98 15.53 -8.66
CA ARG D 191 13.62 14.13 -8.73
C ARG D 191 14.78 13.35 -9.34
N ALA D 192 15.31 12.38 -8.59
CA ALA D 192 16.52 11.67 -9.00
C ALA D 192 16.28 10.18 -9.02
N GLU D 193 17.01 9.49 -9.89
CA GLU D 193 16.91 8.04 -10.01
C GLU D 193 17.69 7.36 -8.88
N CYS D 194 17.06 6.39 -8.23
CA CYS D 194 17.71 5.61 -7.18
C CYS D 194 17.50 4.12 -7.44
N PRO D 195 18.35 3.51 -8.26
CA PRO D 195 18.23 2.07 -8.51
C PRO D 195 18.31 1.28 -7.21
N MET D 196 17.43 0.29 -7.07
CA MET D 196 17.30 -0.46 -5.83
C MET D 196 17.53 -1.93 -6.11
N HIS D 197 18.25 -2.58 -5.19
CA HIS D 197 18.45 -4.03 -5.20
C HIS D 197 17.58 -4.64 -4.10
N LEU D 198 16.53 -5.35 -4.49
CA LEU D 198 15.51 -5.82 -3.57
C LEU D 198 15.70 -7.30 -3.21
N GLU D 199 16.93 -7.80 -3.32
CA GLU D 199 17.20 -9.20 -2.97
C GLU D 199 16.91 -9.46 -1.49
N ASP D 200 17.25 -8.51 -0.64
CA ASP D 200 17.08 -8.64 0.81
C ASP D 200 15.76 -8.04 1.29
N PHE D 201 14.87 -7.69 0.37
CA PHE D 201 13.59 -7.12 0.74
C PHE D 201 12.84 -8.06 1.68
N PRO D 202 12.17 -7.54 2.72
CA PRO D 202 12.02 -6.13 3.12
C PRO D 202 13.11 -5.68 4.09
N MET D 203 14.20 -6.42 4.20
CA MET D 203 15.32 -6.08 5.07
C MET D 203 16.47 -5.50 4.27
N ASP D 204 16.18 -4.67 3.27
CA ASP D 204 17.19 -4.14 2.37
C ASP D 204 17.49 -2.68 2.68
N ALA D 205 18.66 -2.25 2.21
CA ALA D 205 19.11 -0.88 2.36
C ALA D 205 19.65 -0.39 1.02
N HIS D 206 19.48 0.90 0.77
CA HIS D 206 19.85 1.49 -0.51
C HIS D 206 20.65 2.76 -0.26
N ALA D 207 21.54 3.07 -1.19
CA ALA D 207 22.31 4.30 -1.18
C ALA D 207 21.86 5.14 -2.38
N CYS D 208 20.93 6.05 -2.16
CA CYS D 208 20.39 6.84 -3.25
C CYS D 208 21.35 8.00 -3.54
N PRO D 209 21.92 8.08 -4.73
CA PRO D 209 22.90 9.14 -5.00
C PRO D 209 22.24 10.44 -5.44
N LEU D 210 22.99 11.52 -5.26
CA LEU D 210 22.62 12.83 -5.78
C LEU D 210 23.89 13.43 -6.40
N LYS D 211 23.95 13.46 -7.72
CA LYS D 211 25.14 13.87 -8.45
C LYS D 211 24.88 15.17 -9.20
N PHE D 212 25.84 16.09 -9.11
CA PHE D 212 25.76 17.35 -9.83
C PHE D 212 27.16 17.81 -10.18
N GLY D 213 27.23 18.68 -11.18
CA GLY D 213 28.51 19.21 -11.62
C GLY D 213 28.33 20.13 -12.80
N SER D 214 29.45 20.63 -13.31
CA SER D 214 29.41 21.52 -14.45
C SER D 214 29.02 20.76 -15.71
N TYR D 215 28.21 21.40 -16.55
CA TYR D 215 27.80 20.77 -17.80
C TYR D 215 28.83 20.98 -18.90
N ALA D 216 29.45 22.16 -18.95
CA ALA D 216 30.33 22.52 -20.05
C ALA D 216 31.80 22.69 -19.66
N TYR D 217 32.10 22.90 -18.39
CA TYR D 217 33.46 23.18 -17.95
C TYR D 217 34.11 21.92 -17.38
N THR D 218 35.28 21.58 -17.92
CA THR D 218 36.02 20.41 -17.48
C THR D 218 36.78 20.72 -16.18
N ARG D 219 37.39 19.68 -15.62
CA ARG D 219 38.11 19.83 -14.36
C ARG D 219 39.27 20.80 -14.49
N ALA D 220 39.75 21.04 -15.72
CA ALA D 220 40.81 22.01 -15.97
C ALA D 220 40.30 23.44 -15.98
N GLU D 221 38.99 23.65 -15.92
CA GLU D 221 38.40 24.99 -15.93
C GLU D 221 37.58 25.29 -14.68
N VAL D 222 36.82 24.34 -14.18
CA VAL D 222 36.01 24.55 -12.98
C VAL D 222 36.15 23.33 -12.08
N VAL D 223 36.39 23.57 -10.79
CA VAL D 223 36.47 22.53 -9.79
C VAL D 223 35.54 22.89 -8.64
N TYR D 224 34.87 21.89 -8.08
CA TYR D 224 33.95 22.08 -6.96
C TYR D 224 34.58 21.53 -5.70
N GLU D 225 34.45 22.29 -4.61
CA GLU D 225 34.90 21.86 -3.29
C GLU D 225 33.80 22.18 -2.29
N TRP D 226 33.79 21.43 -1.19
CA TRP D 226 32.81 21.66 -0.14
C TRP D 226 33.21 22.87 0.71
N THR D 227 32.21 23.66 1.10
CA THR D 227 32.49 24.91 1.82
C THR D 227 33.24 24.65 3.11
N ARG D 228 32.90 23.57 3.80
CA ARG D 228 33.55 23.19 5.06
C ARG D 228 33.84 21.70 5.01
N GLU D 229 34.15 21.13 6.17
CA GLU D 229 34.38 19.68 6.28
C GLU D 229 33.28 18.96 5.49
N PRO D 230 33.64 17.99 4.65
CA PRO D 230 32.62 17.39 3.77
C PRO D 230 31.40 16.87 4.51
N ALA D 231 31.59 16.27 5.69
CA ALA D 231 30.45 15.76 6.44
C ALA D 231 29.52 16.90 6.86
N ARG D 232 30.07 18.05 7.22
CA ARG D 232 29.28 19.19 7.68
C ARG D 232 28.78 20.07 6.54
N SER D 233 29.15 19.77 5.30
CA SER D 233 28.73 20.59 4.17
C SER D 233 27.38 20.18 3.60
N VAL D 234 26.83 19.05 4.02
CA VAL D 234 25.49 18.62 3.64
C VAL D 234 24.68 18.44 4.91
N VAL D 235 23.64 19.27 5.08
CA VAL D 235 22.84 19.28 6.29
C VAL D 235 21.41 18.93 5.94
N VAL D 236 20.83 17.99 6.67
CA VAL D 236 19.46 17.52 6.48
C VAL D 236 18.62 18.12 7.60
N ALA D 237 17.48 18.72 7.23
CA ALA D 237 16.60 19.29 8.23
C ALA D 237 16.09 18.21 9.18
N GLU D 238 15.93 18.58 10.45
CA GLU D 238 15.56 17.61 11.47
C GLU D 238 14.19 17.00 11.18
N ASP D 239 13.22 17.84 10.78
CA ASP D 239 11.85 17.41 10.56
C ASP D 239 11.49 17.38 9.08
N GLY D 240 12.48 17.33 8.20
CA GLY D 240 12.21 17.33 6.78
C GLY D 240 11.86 15.99 6.21
N SER D 241 11.93 14.94 7.01
CA SER D 241 11.70 13.59 6.50
C SER D 241 10.28 13.46 5.99
N ARG D 242 10.13 13.06 4.74
CA ARG D 242 8.84 12.73 4.16
C ARG D 242 8.72 11.24 3.84
N LEU D 243 9.60 10.43 4.41
CA LEU D 243 9.57 9.00 4.17
C LEU D 243 8.46 8.35 4.98
N ASN D 244 7.73 7.43 4.35
CA ASN D 244 6.67 6.68 5.00
C ASN D 244 7.14 5.29 5.44
N GLN D 245 7.69 4.50 4.52
CA GLN D 245 8.10 3.13 4.78
C GLN D 245 9.62 2.98 4.80
N TYR D 246 10.36 4.07 4.97
CA TYR D 246 11.81 4.05 4.98
C TYR D 246 12.34 4.87 6.14
N ASP D 247 13.53 4.52 6.60
CA ASP D 247 14.24 5.25 7.63
C ASP D 247 15.56 5.76 7.07
N LEU D 248 15.81 7.06 7.22
CA LEU D 248 17.04 7.69 6.75
C LEU D 248 18.10 7.57 7.85
N LEU D 249 19.01 6.61 7.68
CA LEU D 249 20.04 6.39 8.68
C LEU D 249 21.12 7.47 8.62
N GLY D 250 21.34 8.03 7.45
CA GLY D 250 22.39 9.04 7.28
C GLY D 250 22.75 9.15 5.81
N GLN D 251 23.79 9.94 5.56
CA GLN D 251 24.29 10.13 4.20
C GLN D 251 25.81 10.23 4.24
N THR D 252 26.43 9.89 3.10
CA THR D 252 27.86 10.05 2.90
C THR D 252 28.11 10.98 1.73
N VAL D 253 29.07 11.88 1.91
CA VAL D 253 29.40 12.93 0.93
C VAL D 253 30.75 12.62 0.31
N ASP D 254 30.84 12.71 -1.01
CA ASP D 254 32.05 12.38 -1.73
C ASP D 254 32.07 13.14 -3.05
N SER D 255 33.22 13.13 -3.70
CA SER D 255 33.39 13.75 -5.01
C SER D 255 34.23 12.85 -5.90
N GLY D 256 34.00 12.92 -7.20
CA GLY D 256 34.72 12.10 -8.15
C GLY D 256 34.92 12.76 -9.49
N ILE D 257 35.31 11.97 -10.49
CA ILE D 257 35.55 12.45 -11.84
C ILE D 257 34.82 11.53 -12.81
N VAL D 258 34.22 12.12 -13.84
CA VAL D 258 33.59 11.37 -14.92
C VAL D 258 34.17 11.82 -16.25
N GLN D 259 34.57 10.86 -17.08
CA GLN D 259 35.10 11.12 -18.41
C GLN D 259 34.01 10.76 -19.42
N SER D 260 33.45 11.77 -20.07
CA SER D 260 32.40 11.60 -21.06
C SER D 260 32.95 11.88 -22.45
N SER D 261 32.08 11.77 -23.46
CA SER D 261 32.49 12.03 -24.83
C SER D 261 32.90 13.48 -25.02
N THR D 262 32.35 14.40 -24.23
CA THR D 262 32.65 15.82 -24.38
C THR D 262 33.85 16.27 -23.54
N GLY D 263 34.37 15.42 -22.67
CA GLY D 263 35.55 15.73 -21.89
C GLY D 263 35.44 15.13 -20.50
N GLU D 264 36.23 15.67 -19.59
CA GLU D 264 36.32 15.19 -18.22
C GLU D 264 35.74 16.24 -17.27
N TYR D 265 34.85 15.82 -16.38
CA TYR D 265 34.10 16.73 -15.53
C TYR D 265 34.22 16.30 -14.09
N VAL D 266 34.17 17.27 -13.18
CA VAL D 266 34.14 17.01 -11.75
C VAL D 266 32.69 16.78 -11.34
N VAL D 267 32.45 15.71 -10.58
CA VAL D 267 31.12 15.36 -10.13
C VAL D 267 31.14 15.31 -8.60
N MET D 268 30.22 16.05 -7.98
CA MET D 268 30.04 16.02 -6.55
C MET D 268 28.86 15.11 -6.22
N THR D 269 29.09 14.15 -5.31
CA THR D 269 28.12 13.09 -5.05
C THR D 269 27.79 13.06 -3.57
N THR D 270 26.53 12.75 -3.28
CA THR D 270 26.06 12.48 -1.93
C THR D 270 25.18 11.24 -2.00
N HIS D 271 25.43 10.29 -1.10
CA HIS D 271 24.67 9.06 -1.02
C HIS D 271 23.86 9.06 0.27
N PHE D 272 22.54 8.92 0.14
CA PHE D 272 21.64 8.84 1.28
C PHE D 272 21.35 7.37 1.55
N HIS D 273 21.66 6.93 2.76
CA HIS D 273 21.59 5.52 3.14
C HIS D 273 20.24 5.25 3.79
N LEU D 274 19.39 4.51 3.09
CA LEU D 274 18.02 4.25 3.51
C LEU D 274 17.89 2.78 3.89
N LYS D 275 17.14 2.54 4.96
CA LYS D 275 16.85 1.20 5.46
C LYS D 275 15.35 0.99 5.54
N ARG D 276 14.88 -0.09 4.91
CA ARG D 276 13.45 -0.37 4.87
C ARG D 276 12.99 -0.72 6.28
N LYS D 277 11.77 -0.31 6.61
CA LYS D 277 11.19 -0.70 7.89
C LYS D 277 10.35 -1.96 7.72
N ILE D 278 10.68 -2.99 8.52
CA ILE D 278 10.08 -4.30 8.37
C ILE D 278 8.76 -4.43 9.12
N GLY D 279 8.39 -3.42 9.91
CA GLY D 279 7.23 -3.56 10.77
C GLY D 279 5.96 -3.91 10.01
N TYR D 280 5.74 -3.27 8.87
CA TYR D 280 4.52 -3.53 8.11
C TYR D 280 4.46 -4.99 7.68
N PHE D 281 5.57 -5.51 7.17
CA PHE D 281 5.59 -6.87 6.63
C PHE D 281 5.62 -7.93 7.72
N VAL D 282 6.17 -7.60 8.89
CA VAL D 282 6.12 -8.52 10.02
C VAL D 282 4.68 -8.78 10.43
N ILE D 283 3.87 -7.73 10.52
CA ILE D 283 2.47 -7.89 10.87
C ILE D 283 1.70 -8.54 9.72
N GLN D 284 1.97 -8.10 8.49
CA GLN D 284 1.12 -8.52 7.37
C GLN D 284 1.40 -9.96 6.95
N THR D 285 2.67 -10.36 6.87
CA THR D 285 3.04 -11.64 6.29
C THR D 285 3.72 -12.59 7.25
N TYR D 286 4.81 -12.17 7.90
CA TYR D 286 5.62 -13.11 8.67
C TYR D 286 4.84 -13.71 9.84
N LEU D 287 4.21 -12.85 10.65
CA LEU D 287 3.49 -13.36 11.82
C LEU D 287 2.36 -14.30 11.46
N PRO D 288 1.44 -13.97 10.54
CA PRO D 288 0.41 -14.95 10.17
C PRO D 288 0.97 -16.26 9.69
N CYS D 289 2.06 -16.22 8.92
CA CYS D 289 2.69 -17.45 8.45
C CYS D 289 3.27 -18.26 9.62
N ILE D 290 3.93 -17.60 10.57
CA ILE D 290 4.51 -18.34 11.69
C ILE D 290 3.42 -19.00 12.51
N MET D 291 2.33 -18.28 12.79
CA MET D 291 1.24 -18.88 13.56
C MET D 291 0.61 -20.03 12.80
N THR D 292 0.49 -19.89 11.48
CA THR D 292 -0.07 -20.97 10.67
C THR D 292 0.80 -22.22 10.75
N VAL D 293 2.12 -22.05 10.69
CA VAL D 293 3.02 -23.19 10.80
C VAL D 293 2.87 -23.84 12.17
N ILE D 294 2.84 -23.03 13.23
CA ILE D 294 2.63 -23.57 14.57
C ILE D 294 1.27 -24.23 14.65
N LEU D 295 0.25 -23.60 14.07
CA LEU D 295 -1.09 -24.16 14.11
C LEU D 295 -1.15 -25.53 13.43
N SER D 296 -0.46 -25.67 12.30
CA SER D 296 -0.46 -26.94 11.59
C SER D 296 0.14 -28.07 12.41
N GLN D 297 1.20 -27.78 13.16
CA GLN D 297 1.88 -28.81 13.95
C GLN D 297 1.06 -29.28 15.14
N VAL D 298 -0.01 -28.58 15.51
CA VAL D 298 -0.89 -29.06 16.58
C VAL D 298 -1.53 -30.37 16.19
N SER D 299 -1.66 -30.64 14.89
CA SER D 299 -2.30 -31.87 14.44
C SER D 299 -1.59 -33.11 14.95
N PHE D 300 -0.27 -33.02 15.16
CA PHE D 300 0.45 -34.20 15.61
C PHE D 300 -0.04 -34.67 16.97
N TRP D 301 -0.67 -33.78 17.74
CA TRP D 301 -1.16 -34.10 19.07
C TRP D 301 -2.60 -34.61 19.05
N LEU D 302 -3.26 -34.62 17.91
CA LEU D 302 -4.61 -35.16 17.80
C LEU D 302 -4.57 -36.65 17.52
N ASN D 303 -5.60 -37.35 17.99
CA ASN D 303 -5.67 -38.80 17.79
C ASN D 303 -5.81 -39.15 16.32
N ARG D 304 -5.19 -40.26 15.92
CA ARG D 304 -5.15 -40.68 14.53
C ARG D 304 -6.52 -41.10 14.00
N GLU D 305 -7.49 -41.37 14.87
CA GLU D 305 -8.82 -41.80 14.47
C GLU D 305 -9.77 -40.65 14.15
N SER D 306 -9.26 -39.47 13.82
CA SER D 306 -10.12 -38.34 13.51
C SER D 306 -9.88 -37.92 12.06
N VAL D 307 -9.87 -38.91 11.17
CA VAL D 307 -9.47 -38.66 9.78
C VAL D 307 -10.24 -37.51 9.14
N PRO D 308 -11.57 -37.43 9.23
CA PRO D 308 -12.27 -36.28 8.63
C PRO D 308 -11.83 -34.94 9.19
N ALA D 309 -11.58 -34.88 10.50
CA ALA D 309 -11.19 -33.60 11.11
C ALA D 309 -9.79 -33.19 10.67
N ARG D 310 -8.83 -34.11 10.74
CA ARG D 310 -7.46 -33.76 10.41
C ARG D 310 -7.25 -33.52 8.92
N THR D 311 -7.99 -34.22 8.06
CA THR D 311 -7.89 -33.92 6.64
C THR D 311 -8.36 -32.49 6.36
N VAL D 312 -9.46 -32.08 6.99
CA VAL D 312 -9.93 -30.71 6.80
C VAL D 312 -8.90 -29.73 7.37
N PHE D 313 -8.28 -30.11 8.48
CA PHE D 313 -7.22 -29.30 9.06
C PHE D 313 -6.10 -29.07 8.06
N GLY D 314 -5.61 -30.14 7.44
CA GLY D 314 -4.48 -30.01 6.53
C GLY D 314 -4.84 -29.17 5.33
N VAL D 315 -5.99 -29.46 4.73
CA VAL D 315 -6.37 -28.78 3.50
C VAL D 315 -6.65 -27.30 3.77
N THR D 316 -7.38 -27.02 4.85
CA THR D 316 -7.72 -25.64 5.18
C THR D 316 -6.49 -24.81 5.46
N THR D 317 -5.53 -25.37 6.21
CA THR D 317 -4.30 -24.64 6.52
C THR D 317 -3.49 -24.37 5.26
N VAL D 318 -3.40 -25.34 4.35
CA VAL D 318 -2.71 -25.11 3.10
C VAL D 318 -3.39 -24.00 2.30
N LEU D 319 -4.72 -24.00 2.29
CA LEU D 319 -5.47 -22.93 1.64
C LEU D 319 -5.14 -21.58 2.25
N THR D 320 -5.07 -21.50 3.58
CA THR D 320 -4.77 -20.23 4.23
C THR D 320 -3.39 -19.74 3.81
N MET D 321 -2.40 -20.62 3.80
CA MET D 321 -1.06 -20.22 3.40
C MET D 321 -1.05 -19.75 1.95
N THR D 322 -1.82 -20.42 1.10
CA THR D 322 -1.94 -19.99 -0.28
C THR D 322 -2.52 -18.59 -0.37
N THR D 323 -3.57 -18.31 0.42
CA THR D 323 -4.14 -16.98 0.42
C THR D 323 -3.14 -15.94 0.90
N LEU D 324 -2.41 -16.24 1.97
CA LEU D 324 -1.45 -15.28 2.50
C LEU D 324 -0.34 -15.02 1.49
N SER D 325 0.13 -16.07 0.83
CA SER D 325 1.20 -15.92 -0.14
C SER D 325 0.77 -15.03 -1.29
N ILE D 326 -0.48 -15.19 -1.75
CA ILE D 326 -0.96 -14.40 -2.88
C ILE D 326 -0.98 -12.92 -2.51
N SER D 327 -1.43 -12.58 -1.30
CA SER D 327 -1.58 -11.18 -0.95
C SER D 327 -0.26 -10.53 -0.56
N ALA D 328 0.79 -11.33 -0.35
CA ALA D 328 2.06 -10.77 0.12
C ALA D 328 2.71 -9.94 -0.97
N ARG D 329 2.74 -10.46 -2.19
CA ARG D 329 3.33 -9.80 -3.34
C ARG D 329 2.31 -8.98 -4.14
N ASN D 330 1.06 -8.91 -3.68
CA ASN D 330 0.05 -8.13 -4.37
C ASN D 330 0.51 -6.70 -4.59
N SER D 331 1.27 -6.16 -3.63
CA SER D 331 1.72 -4.77 -3.68
C SER D 331 3.08 -4.61 -4.35
N LEU D 332 3.98 -5.59 -4.19
CA LEU D 332 5.33 -5.42 -4.69
C LEU D 332 5.34 -5.43 -6.23
N PRO D 333 6.26 -4.69 -6.84
CA PRO D 333 6.43 -4.79 -8.30
C PRO D 333 6.95 -6.15 -8.73
N LYS D 334 6.60 -6.53 -9.96
CA LYS D 334 6.91 -7.83 -10.51
C LYS D 334 8.39 -7.88 -10.89
N VAL D 335 9.23 -8.18 -9.91
CA VAL D 335 10.67 -8.28 -10.13
C VAL D 335 11.00 -9.75 -10.44
N ALA D 336 11.92 -9.95 -11.38
CA ALA D 336 12.25 -11.32 -11.77
C ALA D 336 12.90 -12.11 -10.64
N TYR D 337 13.84 -11.51 -9.92
CA TYR D 337 14.54 -12.25 -8.89
C TYR D 337 13.63 -12.47 -7.68
N ALA D 338 13.96 -13.50 -6.90
CA ALA D 338 13.21 -13.81 -5.68
C ALA D 338 13.74 -13.01 -4.51
N THR D 339 12.82 -12.56 -3.66
CA THR D 339 13.20 -11.80 -2.48
C THR D 339 13.33 -12.72 -1.26
N ALA D 340 13.83 -12.14 -0.17
CA ALA D 340 13.96 -12.86 1.08
C ALA D 340 12.60 -13.30 1.62
N MET D 341 11.58 -12.47 1.45
CA MET D 341 10.24 -12.84 1.88
C MET D 341 9.72 -14.07 1.16
N ASP D 342 9.99 -14.18 -0.14
CA ASP D 342 9.53 -15.35 -0.89
C ASP D 342 10.12 -16.63 -0.30
N TRP D 343 11.41 -16.62 0.04
CA TRP D 343 12.01 -17.80 0.64
C TRP D 343 11.33 -18.18 1.95
N PHE D 344 11.03 -17.19 2.79
CA PHE D 344 10.34 -17.47 4.05
C PHE D 344 8.96 -18.06 3.81
N ILE D 345 8.21 -17.49 2.87
CA ILE D 345 6.87 -17.99 2.58
C ILE D 345 6.94 -19.41 2.02
N ALA D 346 7.89 -19.65 1.11
CA ALA D 346 8.02 -20.98 0.51
C ALA D 346 8.35 -22.03 1.56
N VAL D 347 9.25 -21.72 2.48
CA VAL D 347 9.59 -22.67 3.53
C VAL D 347 8.39 -22.94 4.42
N CYS D 348 7.66 -21.89 4.79
CA CYS D 348 6.47 -22.07 5.60
C CYS D 348 5.43 -22.92 4.87
N TYR D 349 5.28 -22.72 3.56
CA TYR D 349 4.35 -23.53 2.78
C TYR D 349 4.74 -25.00 2.82
N ALA D 350 6.03 -25.30 2.73
CA ALA D 350 6.48 -26.68 2.78
C ALA D 350 6.15 -27.31 4.13
N PHE D 351 6.37 -26.57 5.22
CA PHE D 351 6.06 -27.08 6.55
C PHE D 351 4.58 -27.39 6.69
N VAL D 352 3.71 -26.49 6.23
CA VAL D 352 2.28 -26.75 6.32
C VAL D 352 1.90 -27.93 5.44
N PHE D 353 2.43 -27.98 4.21
CA PHE D 353 2.12 -29.10 3.33
C PHE D 353 2.63 -30.41 3.93
N SER D 354 3.85 -30.39 4.48
CA SER D 354 4.43 -31.59 5.06
C SER D 354 3.65 -32.07 6.28
N ALA D 355 3.01 -31.15 7.01
CA ALA D 355 2.23 -31.57 8.17
C ALA D 355 1.10 -32.48 7.74
N LEU D 356 0.45 -32.13 6.63
CA LEU D 356 -0.63 -32.95 6.08
C LEU D 356 -0.09 -34.24 5.51
N ILE D 357 1.06 -34.19 4.85
CA ILE D 357 1.70 -35.40 4.32
C ILE D 357 2.03 -36.36 5.46
N GLU D 358 2.46 -35.83 6.60
CA GLU D 358 2.74 -36.69 7.74
C GLU D 358 1.50 -37.46 8.18
N PHE D 359 0.34 -36.80 8.23
CA PHE D 359 -0.87 -37.50 8.61
C PHE D 359 -1.24 -38.59 7.61
N ALA D 360 -1.07 -38.32 6.32
CA ALA D 360 -1.37 -39.34 5.32
C ALA D 360 -0.54 -40.60 5.55
N THR D 361 0.73 -40.43 5.89
CA THR D 361 1.57 -41.57 6.25
C THR D 361 1.06 -42.27 7.50
N VAL D 362 0.68 -41.50 8.51
CA VAL D 362 0.18 -42.09 9.75
C VAL D 362 -1.09 -42.89 9.50
N ASN D 363 -2.03 -42.35 8.72
CA ASN D 363 -3.25 -43.07 8.44
C ASN D 363 -2.99 -44.36 7.69
N TYR D 364 -1.97 -44.39 6.83
CA TYR D 364 -1.70 -45.61 6.07
C TYR D 364 -1.34 -46.77 6.98
N PHE D 365 -0.72 -46.48 8.11
CA PHE D 365 -0.29 -47.50 9.07
C PHE D 365 -1.28 -47.66 10.23
N THR D 366 -2.43 -47.01 10.16
CA THR D 366 -3.45 -47.14 11.19
C THR D 366 -4.26 -48.42 10.97
N LYS D 367 -4.20 -49.32 11.94
CA LYS D 367 -4.86 -50.62 11.82
C LYS D 367 -6.34 -50.51 12.18
N SER D 443 -2.32 -47.96 18.77
CA SER D 443 -1.33 -47.26 19.59
C SER D 443 -1.02 -45.90 18.98
N VAL D 444 -0.49 -44.99 19.81
CA VAL D 444 -0.07 -43.68 19.31
C VAL D 444 1.05 -43.87 18.29
N SER D 445 0.89 -43.26 17.13
CA SER D 445 1.85 -43.44 16.05
C SER D 445 3.22 -42.94 16.46
N LYS D 446 4.25 -43.72 16.14
CA LYS D 446 5.62 -43.29 16.37
C LYS D 446 6.00 -42.11 15.49
N ILE D 447 5.43 -42.03 14.27
CA ILE D 447 5.71 -40.91 13.40
C ILE D 447 5.23 -39.60 14.02
N ASP D 448 4.04 -39.62 14.62
CA ASP D 448 3.53 -38.43 15.29
C ASP D 448 4.44 -38.02 16.43
N ARG D 449 4.89 -38.98 17.24
CA ARG D 449 5.75 -38.65 18.38
C ARG D 449 7.04 -37.99 17.93
N LEU D 450 7.62 -38.47 16.83
CA LEU D 450 8.85 -37.87 16.33
C LEU D 450 8.58 -36.53 15.65
N SER D 451 7.48 -36.45 14.90
CA SER D 451 7.13 -35.19 14.25
C SER D 451 6.90 -34.08 15.26
N ARG D 452 6.42 -34.42 16.46
CA ARG D 452 6.21 -33.44 17.51
C ARG D 452 7.50 -32.71 17.89
N ILE D 453 8.66 -33.31 17.63
CA ILE D 453 9.94 -32.71 17.95
C ILE D 453 10.68 -32.22 16.71
N ALA D 454 10.70 -33.01 15.65
CA ALA D 454 11.47 -32.62 14.46
C ALA D 454 10.93 -31.35 13.84
N PHE D 455 9.61 -31.28 13.64
CA PHE D 455 9.03 -30.11 12.97
C PHE D 455 9.25 -28.81 13.73
N PRO D 456 8.89 -28.70 15.01
CA PRO D 456 9.20 -27.46 15.74
C PRO D 456 10.68 -27.13 15.79
N LEU D 457 11.54 -28.15 15.91
CA LEU D 457 12.97 -27.89 16.01
C LEU D 457 13.52 -27.30 14.71
N LEU D 458 13.21 -27.92 13.58
CA LEU D 458 13.75 -27.43 12.31
C LEU D 458 13.25 -26.02 12.01
N PHE D 459 11.96 -25.77 12.23
CA PHE D 459 11.42 -24.44 11.98
C PHE D 459 12.07 -23.40 12.89
N GLY D 460 12.28 -23.74 14.15
CA GLY D 460 12.97 -22.81 15.04
C GLY D 460 14.39 -22.53 14.60
N ILE D 461 15.10 -23.56 14.14
CA ILE D 461 16.46 -23.34 13.64
C ILE D 461 16.44 -22.47 12.40
N PHE D 462 15.48 -22.71 11.51
CA PHE D 462 15.41 -21.92 10.27
C PHE D 462 15.21 -20.44 10.57
N ASN D 463 14.36 -20.11 11.53
CA ASN D 463 14.16 -18.70 11.89
C ASN D 463 15.45 -18.07 12.41
N LEU D 464 16.19 -18.79 13.25
CA LEU D 464 17.45 -18.24 13.77
C LEU D 464 18.44 -17.92 12.66
N VAL D 465 18.59 -18.83 11.70
CA VAL D 465 19.52 -18.56 10.60
C VAL D 465 18.99 -17.45 9.71
N TYR D 466 17.69 -17.47 9.40
CA TYR D 466 17.13 -16.48 8.49
C TYR D 466 17.25 -15.08 9.07
N TRP D 467 16.77 -14.88 10.30
CA TRP D 467 16.77 -13.54 10.87
C TRP D 467 18.20 -13.08 11.19
N ALA D 468 19.06 -13.99 11.61
CA ALA D 468 20.45 -13.64 11.87
C ALA D 468 21.18 -13.23 10.59
N THR D 469 20.80 -13.82 9.45
CA THR D 469 21.48 -13.53 8.21
C THR D 469 21.13 -12.13 7.70
N TYR D 470 19.85 -11.77 7.74
CA TYR D 470 19.37 -10.52 7.17
C TYR D 470 19.32 -9.37 8.17
N LEU D 471 19.67 -9.60 9.44
CA LEU D 471 19.70 -8.53 10.44
C LEU D 471 21.10 -8.20 10.92
N ASN D 472 22.02 -9.17 10.95
CA ASN D 472 23.39 -8.88 11.35
C ASN D 472 24.07 -7.91 10.40
N ARG D 473 23.56 -7.76 9.18
CA ARG D 473 24.15 -6.86 8.21
C ARG D 473 23.88 -5.41 8.58
#